data_8WU3
#
_entry.id   8WU3
#
_cell.length_a   75.351
_cell.length_b   93.358
_cell.length_c   101.686
_cell.angle_alpha   90.000
_cell.angle_beta   98.090
_cell.angle_gamma   90.000
#
_symmetry.space_group_name_H-M   'P 1 21 1'
#
_entity_poly.entity_id   1
_entity_poly.type   'polypeptide(L)'
_entity_poly.pdbx_seq_one_letter_code
;LTADPSLQYERVEPQWTEEARIEGCKPLTPLNMTRSVKEMKMDRAPLGITRFFKEVGYRVAVKKGSEGTRKNRFVGALIE
PLKRVLERSHVFGAWQLTSTTPRAVFNIFRSKVDKAPRELHDHYPGLKRFYEILADLWLKRVGRLRRLSEEEMAAAINRR
GTMGYQMENRGYTDLGSYWDSGEWRQDVNTFKQSLLAGTPTHAVYNTTAKKEKTKNLTRQVNKGSRIIQYLPADARLYEL
RVLGGLHKFLEASDWSVAGQGLYKYGDRVKKAMNATGAAIAEDIAGWDTKVSKGLLTLEAHMFCRLAEDAEMEKEIHSLY
RLYANPYMVVQREIEGEVHDVLLRGRGQVSSGRQPTYAANTITNFVTTVYGMARALDIPEADWPELVRSLTDGSGDRRLL
VSGDDKVLFLRGDEARTYSKKAFRYGNDMGLVRKDMGLEQESEIITDVREISFCSHQYWPVKYGDEVHYMPVRDVGEIMA
KASMSLGVYRDDTTQEAWARVQGFNMLVNYHHIPECRMLALAILSATRVGLNLKGIAKGWMMDTEWLRDDLGPDTIHALV
TDGRTQGWSQLGYVDYSSRKGLLLTPDKQYKHWRRGLKDTINSLRVEGGNYKDWMNKMAVFN
;
_entity_poly.pdbx_strand_id   A,B
#
# COMPACT_ATOMS: atom_id res chain seq x y z
N ARG A 11 27.13 -45.78 -6.83
CA ARG A 11 28.13 -46.23 -5.88
C ARG A 11 29.30 -45.24 -5.82
N VAL A 12 30.02 -45.10 -6.93
CA VAL A 12 31.13 -44.17 -7.02
C VAL A 12 30.56 -42.76 -7.16
N GLU A 13 31.40 -41.76 -6.93
CA GLU A 13 30.96 -40.36 -6.97
C GLU A 13 32.00 -39.55 -7.75
N PRO A 14 31.98 -39.59 -9.08
CA PRO A 14 33.13 -39.04 -9.82
C PRO A 14 32.77 -37.71 -10.46
N GLN A 15 32.39 -36.66 -9.71
CA GLN A 15 32.01 -35.41 -10.35
C GLN A 15 33.01 -35.01 -11.41
N TRP A 16 34.28 -34.96 -11.02
CA TRP A 16 35.40 -34.83 -11.92
C TRP A 16 35.10 -34.20 -13.28
N THR A 17 34.19 -33.24 -13.28
CA THR A 17 33.85 -32.46 -14.47
C THR A 17 34.74 -31.23 -14.56
N GLU A 18 35.78 -31.20 -13.75
CA GLU A 18 36.82 -30.18 -13.70
C GLU A 18 36.24 -28.78 -13.88
N GLU A 19 35.90 -28.15 -12.76
CA GLU A 19 35.25 -26.84 -12.77
C GLU A 19 35.94 -25.90 -13.75
N ALA A 20 35.13 -25.23 -14.54
CA ALA A 20 35.68 -24.35 -15.56
C ALA A 20 36.22 -23.07 -14.93
N ARG A 21 37.18 -22.46 -15.62
CA ARG A 21 37.70 -21.15 -15.28
C ARG A 21 37.34 -20.18 -16.39
N ILE A 22 36.96 -18.96 -15.99
CA ILE A 22 36.56 -17.92 -16.93
C ILE A 22 37.43 -16.70 -16.71
N GLU A 23 38.06 -16.22 -17.78
CA GLU A 23 38.89 -15.03 -17.70
C GLU A 23 38.04 -13.83 -17.33
N GLY A 24 38.50 -13.05 -16.36
CA GLY A 24 37.76 -11.89 -15.92
C GLY A 24 36.62 -12.16 -14.97
N CYS A 25 36.61 -13.32 -14.30
CA CYS A 25 35.58 -13.68 -13.36
C CYS A 25 36.20 -14.22 -12.08
N LYS A 26 35.48 -14.03 -10.97
CA LYS A 26 35.93 -14.48 -9.67
C LYS A 26 35.46 -15.92 -9.44
N PRO A 27 36.35 -16.86 -9.17
CA PRO A 27 35.90 -18.24 -8.96
C PRO A 27 35.03 -18.38 -7.72
N LEU A 28 33.98 -19.19 -7.84
CA LEU A 28 33.05 -19.45 -6.74
C LEU A 28 33.68 -20.52 -5.85
N THR A 29 34.63 -20.09 -5.02
CA THR A 29 35.33 -21.01 -4.15
C THR A 29 34.38 -21.56 -3.08
N PRO A 30 34.48 -22.84 -2.75
CA PRO A 30 33.57 -23.40 -1.73
C PRO A 30 33.85 -22.80 -0.37
N LEU A 31 32.81 -22.82 0.47
CA LEU A 31 32.87 -22.28 1.82
C LEU A 31 33.06 -23.42 2.82
N ASN A 32 33.50 -23.07 4.02
CA ASN A 32 33.71 -24.06 5.06
C ASN A 32 32.35 -24.48 5.62
N MET A 33 31.93 -25.70 5.32
CA MET A 33 30.61 -26.16 5.73
C MET A 33 30.66 -27.01 6.99
N THR A 34 31.77 -26.99 7.74
CA THR A 34 31.85 -27.73 8.99
C THR A 34 30.83 -27.20 10.01
N ARG A 35 30.52 -25.90 9.94
CA ARG A 35 29.55 -25.32 10.86
C ARG A 35 28.14 -25.83 10.60
N SER A 36 27.79 -26.02 9.33
CA SER A 36 26.41 -26.39 8.99
C SER A 36 26.13 -27.86 9.24
N VAL A 37 27.13 -28.73 9.05
CA VAL A 37 26.90 -30.17 9.22
C VAL A 37 26.67 -30.51 10.69
N LYS A 38 27.19 -29.70 11.61
CA LYS A 38 26.95 -29.95 13.04
C LYS A 38 25.48 -29.78 13.38
N GLU A 39 24.83 -28.79 12.78
CA GLU A 39 23.42 -28.51 12.97
C GLU A 39 22.53 -29.60 12.37
N MET A 40 23.13 -30.53 11.63
CA MET A 40 22.41 -31.66 11.04
C MET A 40 22.37 -32.86 11.96
N LYS A 41 23.35 -32.98 12.85
CA LYS A 41 23.43 -34.08 13.81
C LYS A 41 23.33 -35.44 13.11
N MET A 42 24.29 -35.65 12.21
CA MET A 42 24.41 -36.89 11.47
C MET A 42 25.30 -37.85 12.24
N ASP A 43 24.93 -39.10 12.24
CA ASP A 43 25.63 -40.11 13.01
C ASP A 43 26.21 -41.22 12.15
N ARG A 44 25.44 -41.73 11.20
CA ARG A 44 25.83 -42.93 10.46
C ARG A 44 26.81 -42.56 9.34
N ALA A 45 27.13 -43.54 8.50
CA ALA A 45 28.11 -43.43 7.44
C ALA A 45 27.43 -43.41 6.07
N PRO A 46 28.09 -42.85 5.06
CA PRO A 46 27.49 -42.80 3.72
C PRO A 46 27.20 -44.19 3.17
N LEU A 47 26.21 -44.25 2.28
CA LEU A 47 25.95 -45.42 1.45
C LEU A 47 26.23 -45.15 -0.02
N GLY A 48 26.17 -43.90 -0.46
CA GLY A 48 26.60 -43.52 -1.79
C GLY A 48 25.76 -44.09 -2.91
N ILE A 49 24.43 -44.06 -2.75
CA ILE A 49 23.55 -44.46 -3.84
C ILE A 49 23.43 -43.38 -4.90
N THR A 50 23.61 -42.12 -4.51
CA THR A 50 23.53 -41.00 -5.44
C THR A 50 24.64 -41.08 -6.48
N ARG A 51 24.36 -40.54 -7.67
CA ARG A 51 25.30 -40.57 -8.78
C ARG A 51 26.06 -39.27 -8.98
N PHE A 52 25.40 -38.14 -8.81
CA PHE A 52 26.03 -36.82 -8.86
C PHE A 52 26.30 -36.26 -7.47
N PHE A 53 25.30 -36.31 -6.61
CA PHE A 53 25.37 -35.73 -5.28
C PHE A 53 26.18 -36.64 -4.35
N LYS A 54 27.17 -36.06 -3.68
CA LYS A 54 28.08 -36.82 -2.83
C LYS A 54 27.46 -36.96 -1.45
N GLU A 55 27.44 -38.19 -0.92
CA GLU A 55 26.83 -38.43 0.38
C GLU A 55 27.84 -38.19 1.50
N VAL A 56 27.37 -37.58 2.59
CA VAL A 56 28.20 -37.36 3.76
C VAL A 56 27.74 -38.19 4.96
N GLY A 57 26.45 -38.51 5.04
CA GLY A 57 25.95 -39.31 6.14
C GLY A 57 24.44 -39.25 6.17
N TYR A 58 23.87 -40.05 7.08
CA TYR A 58 22.42 -40.03 7.28
C TYR A 58 22.09 -40.16 8.76
N ARG A 59 21.00 -39.51 9.15
CA ARG A 59 20.38 -39.72 10.45
C ARG A 59 19.45 -40.93 10.36
N VAL A 60 18.68 -41.18 11.42
CA VAL A 60 17.70 -42.27 11.42
C VAL A 60 16.33 -41.72 11.80
N ALA A 61 15.34 -41.97 10.94
CA ALA A 61 13.91 -41.73 11.15
C ALA A 61 13.57 -40.62 12.13
N VAL A 62 14.36 -39.54 12.14
CA VAL A 62 14.08 -38.41 13.04
C VAL A 62 12.66 -37.92 12.85
N LYS A 63 12.23 -37.81 11.60
CA LYS A 63 10.92 -37.34 11.20
C LYS A 63 10.63 -37.88 9.81
N LYS A 64 9.45 -37.56 9.28
CA LYS A 64 9.06 -37.96 7.93
C LYS A 64 8.44 -36.78 7.20
N GLY A 65 7.33 -37.01 6.51
CA GLY A 65 6.59 -35.93 5.88
C GLY A 65 5.10 -36.19 5.80
N SER A 66 4.30 -35.22 6.26
CA SER A 66 2.85 -35.34 6.27
C SER A 66 2.23 -34.05 5.73
N GLU A 67 1.14 -34.19 5.00
CA GLU A 67 0.53 -33.06 4.33
C GLU A 67 -0.89 -33.42 3.92
N GLY A 68 -1.69 -32.40 3.64
CA GLY A 68 -3.05 -32.61 3.20
C GLY A 68 -3.42 -31.85 1.94
N THR A 69 -3.50 -32.54 0.82
CA THR A 69 -4.11 -32.00 -0.40
C THR A 69 -5.59 -32.39 -0.37
N ARG A 70 -6.45 -31.48 0.06
CA ARG A 70 -7.86 -31.80 0.25
C ARG A 70 -8.72 -31.08 -0.78
N LYS A 71 -9.84 -31.73 -1.15
CA LYS A 71 -10.79 -31.11 -2.06
C LYS A 71 -11.65 -30.10 -1.30
N ASN A 72 -11.75 -28.89 -1.86
CA ASN A 72 -12.61 -27.86 -1.29
C ASN A 72 -14.07 -28.28 -1.35
N ARG A 73 -14.72 -28.33 -0.19
CA ARG A 73 -16.13 -28.67 -0.13
C ARG A 73 -16.96 -27.75 -1.02
N PHE A 74 -16.63 -26.45 -1.03
CA PHE A 74 -17.39 -25.50 -1.84
C PHE A 74 -17.14 -25.71 -3.33
N VAL A 75 -15.88 -25.67 -3.76
CA VAL A 75 -15.56 -25.81 -5.17
C VAL A 75 -15.90 -27.22 -5.66
N GLY A 76 -15.46 -28.24 -4.92
CA GLY A 76 -15.65 -29.61 -5.38
C GLY A 76 -17.09 -29.97 -5.64
N ALA A 77 -18.00 -29.52 -4.76
CA ALA A 77 -19.42 -29.82 -4.98
C ALA A 77 -19.96 -29.12 -6.21
N LEU A 78 -19.44 -27.93 -6.53
CA LEU A 78 -19.95 -27.19 -7.69
C LEU A 78 -19.59 -27.88 -8.99
N ILE A 79 -18.40 -28.48 -9.08
CA ILE A 79 -17.87 -29.04 -10.32
C ILE A 79 -18.03 -30.55 -10.35
N GLU A 80 -18.74 -31.11 -9.37
CA GLU A 80 -19.01 -32.55 -9.38
C GLU A 80 -19.82 -33.02 -10.59
N PRO A 81 -20.90 -32.35 -11.01
CA PRO A 81 -21.60 -32.80 -12.24
C PRO A 81 -20.71 -32.80 -13.48
N LEU A 82 -19.57 -32.13 -13.40
CA LEU A 82 -18.61 -31.98 -14.50
C LEU A 82 -17.50 -33.02 -14.43
N LYS A 83 -17.39 -33.76 -13.33
CA LYS A 83 -16.30 -34.72 -13.18
C LYS A 83 -16.35 -35.81 -14.23
N ARG A 84 -17.55 -36.15 -14.71
CA ARG A 84 -17.67 -37.18 -15.74
C ARG A 84 -16.93 -36.77 -17.00
N VAL A 85 -17.17 -35.55 -17.48
CA VAL A 85 -16.58 -35.11 -18.74
C VAL A 85 -15.15 -34.61 -18.56
N LEU A 86 -14.81 -34.11 -17.36
CA LEU A 86 -13.46 -33.60 -17.15
C LEU A 86 -12.43 -34.71 -17.21
N GLU A 87 -12.82 -35.91 -16.79
CA GLU A 87 -11.92 -37.06 -16.78
C GLU A 87 -11.86 -37.72 -18.16
N ARG A 88 -12.96 -37.68 -18.90
CA ARG A 88 -12.99 -38.34 -20.20
C ARG A 88 -12.12 -37.63 -21.23
N SER A 89 -11.99 -36.30 -21.12
CA SER A 89 -11.44 -35.54 -22.23
C SER A 89 -10.42 -34.47 -21.83
N HIS A 90 -10.04 -34.37 -20.56
CA HIS A 90 -9.14 -33.32 -20.11
C HIS A 90 -8.22 -33.88 -19.04
N VAL A 91 -7.31 -33.03 -18.55
CA VAL A 91 -6.30 -33.45 -17.58
C VAL A 91 -6.81 -33.15 -16.19
N PHE A 92 -7.91 -33.82 -15.80
CA PHE A 92 -8.49 -33.65 -14.49
C PHE A 92 -8.36 -34.94 -13.71
N GLY A 93 -8.22 -34.83 -12.39
CA GLY A 93 -7.92 -35.97 -11.57
C GLY A 93 -6.45 -36.26 -11.43
N ALA A 94 -5.59 -35.46 -12.05
CA ALA A 94 -4.15 -35.59 -11.88
C ALA A 94 -3.62 -34.44 -11.05
N THR A 100 5.67 -38.31 -1.69
CA THR A 100 5.20 -38.31 -0.31
C THR A 100 5.90 -39.39 0.51
N THR A 101 5.82 -40.63 0.03
CA THR A 101 6.58 -41.71 0.65
C THR A 101 8.06 -41.37 0.65
N PRO A 102 8.74 -41.42 1.80
CA PRO A 102 10.18 -41.11 1.82
C PRO A 102 10.98 -41.98 0.86
N ARG A 103 10.58 -43.25 0.71
CA ARG A 103 11.13 -44.09 -0.34
C ARG A 103 11.03 -43.40 -1.69
N ALA A 104 9.80 -43.01 -2.07
CA ALA A 104 9.55 -42.48 -3.40
C ALA A 104 10.08 -41.06 -3.59
N VAL A 105 10.25 -40.30 -2.50
CA VAL A 105 10.88 -38.99 -2.63
C VAL A 105 12.32 -39.15 -3.09
N PHE A 106 13.04 -40.14 -2.53
CA PHE A 106 14.43 -40.36 -2.92
C PHE A 106 14.56 -40.76 -4.38
N ASN A 107 13.77 -41.74 -4.82
CA ASN A 107 13.92 -42.16 -6.21
C ASN A 107 13.47 -41.10 -7.21
N ILE A 108 12.61 -40.16 -6.80
CA ILE A 108 12.36 -38.99 -7.62
C ILE A 108 13.62 -38.12 -7.70
N PHE A 109 14.18 -37.78 -6.53
CA PHE A 109 15.36 -36.93 -6.49
C PHE A 109 16.54 -37.57 -7.21
N ARG A 110 16.53 -38.90 -7.39
CA ARG A 110 17.59 -39.57 -8.13
C ARG A 110 17.41 -39.45 -9.64
N SER A 111 16.18 -39.44 -10.14
CA SER A 111 15.94 -39.38 -11.57
C SER A 111 15.63 -37.97 -12.07
N LYS A 112 15.60 -36.98 -11.19
CA LYS A 112 15.21 -35.63 -11.61
C LYS A 112 16.26 -34.58 -11.24
N VAL A 113 16.98 -34.79 -10.14
CA VAL A 113 17.94 -33.80 -9.66
C VAL A 113 19.35 -34.39 -9.63
N ASP A 114 19.44 -35.71 -9.45
CA ASP A 114 20.72 -36.40 -9.31
C ASP A 114 21.40 -36.57 -10.67
N LYS A 115 21.59 -35.43 -11.35
CA LYS A 115 22.19 -35.39 -12.68
C LYS A 115 23.28 -34.32 -12.69
N ALA A 116 24.42 -34.64 -13.33
CA ALA A 116 25.58 -33.74 -13.32
C ALA A 116 25.45 -32.67 -14.40
N PRO A 117 25.47 -31.39 -14.05
CA PRO A 117 25.40 -30.35 -15.09
C PRO A 117 26.69 -30.28 -15.89
N ARG A 118 26.56 -29.81 -17.13
CA ARG A 118 27.69 -29.70 -18.05
C ARG A 118 28.47 -28.42 -17.75
N GLU A 119 29.61 -28.58 -17.08
CA GLU A 119 30.41 -27.45 -16.63
C GLU A 119 31.56 -27.09 -17.56
N LEU A 120 31.74 -27.83 -18.65
CA LEU A 120 32.91 -27.65 -19.49
C LEU A 120 32.47 -27.38 -20.92
N HIS A 121 32.59 -26.12 -21.34
CA HIS A 121 32.29 -25.66 -22.69
C HIS A 121 32.95 -24.31 -22.84
N ASP A 122 33.20 -23.92 -24.09
CA ASP A 122 33.97 -22.71 -24.37
C ASP A 122 33.08 -21.54 -24.78
N HIS A 123 31.81 -21.55 -24.40
CA HIS A 123 30.88 -20.47 -24.70
C HIS A 123 30.85 -19.38 -23.63
N TYR A 124 31.64 -19.52 -22.56
CA TYR A 124 31.67 -18.56 -21.46
C TYR A 124 32.20 -17.18 -21.83
N PRO A 125 33.27 -17.05 -22.63
CA PRO A 125 33.66 -15.70 -23.09
C PRO A 125 32.54 -14.94 -23.76
N GLY A 126 31.84 -15.56 -24.72
CA GLY A 126 30.74 -14.89 -25.37
C GLY A 126 29.57 -14.62 -24.44
N LEU A 127 29.39 -15.48 -23.44
CA LEU A 127 28.27 -15.30 -22.50
C LEU A 127 28.56 -14.22 -21.48
N LYS A 128 29.83 -14.07 -21.09
CA LYS A 128 30.25 -13.00 -20.19
C LYS A 128 29.91 -11.64 -20.78
N ARG A 129 30.27 -11.43 -22.05
CA ARG A 129 30.00 -10.16 -22.71
C ARG A 129 28.50 -9.82 -22.70
N PHE A 130 27.65 -10.81 -23.01
CA PHE A 130 26.22 -10.55 -23.05
C PHE A 130 25.67 -10.29 -21.65
N TYR A 131 26.22 -10.97 -20.64
CA TYR A 131 25.86 -10.67 -19.26
C TYR A 131 26.28 -9.25 -18.90
N GLU A 132 27.45 -8.82 -19.39
CA GLU A 132 27.98 -7.50 -19.06
C GLU A 132 27.27 -6.40 -19.82
N ILE A 133 27.06 -6.58 -21.13
CA ILE A 133 26.48 -5.51 -21.93
C ILE A 133 25.04 -5.24 -21.51
N LEU A 134 24.31 -6.27 -21.09
CA LEU A 134 22.99 -6.04 -20.50
C LEU A 134 23.14 -5.38 -19.14
N ALA A 135 24.14 -5.80 -18.36
CA ALA A 135 24.43 -5.16 -17.09
C ALA A 135 24.76 -3.68 -17.26
N ASP A 136 25.31 -3.31 -18.41
CA ASP A 136 25.67 -1.91 -18.65
C ASP A 136 24.46 -1.07 -19.05
N LEU A 137 23.59 -1.60 -19.91
CA LEU A 137 22.37 -0.89 -20.28
C LEU A 137 21.48 -0.67 -19.06
N TRP A 138 21.38 -1.67 -18.20
CA TRP A 138 20.50 -1.56 -17.03
C TRP A 138 20.97 -0.48 -16.07
N LEU A 139 22.29 -0.27 -15.97
CA LEU A 139 22.81 0.77 -15.08
C LEU A 139 22.44 2.16 -15.59
N LYS A 140 22.39 2.34 -16.91
CA LYS A 140 22.09 3.64 -17.48
C LYS A 140 20.59 3.94 -17.49
N ARG A 141 19.74 2.92 -17.57
CA ARG A 141 18.31 3.12 -17.68
C ARG A 141 17.55 2.91 -16.37
N VAL A 142 18.09 2.12 -15.44
CA VAL A 142 17.47 1.87 -14.15
C VAL A 142 18.34 2.40 -13.00
N GLY A 143 19.60 2.01 -12.98
CA GLY A 143 20.55 2.40 -11.97
C GLY A 143 21.19 1.18 -11.34
N ARG A 144 21.88 1.41 -10.23
CA ARG A 144 22.54 0.31 -9.55
C ARG A 144 21.54 -0.48 -8.71
N LEU A 145 21.87 -1.75 -8.46
CA LEU A 145 21.01 -2.64 -7.70
C LEU A 145 20.97 -2.19 -6.24
N ARG A 146 19.82 -1.69 -5.79
CA ARG A 146 19.67 -1.24 -4.41
C ARG A 146 19.13 -2.37 -3.55
N ARG A 147 19.77 -2.56 -2.38
CA ARG A 147 19.30 -3.51 -1.38
C ARG A 147 17.85 -3.23 -1.01
N LEU A 148 17.14 -4.27 -0.57
CA LEU A 148 15.75 -4.13 -0.18
C LEU A 148 15.65 -3.79 1.30
N SER A 149 14.78 -2.83 1.61
CA SER A 149 14.52 -2.40 2.98
C SER A 149 13.73 -3.48 3.71
N GLU A 150 13.52 -3.29 5.01
CA GLU A 150 12.79 -4.29 5.78
C GLU A 150 11.32 -4.31 5.38
N GLU A 151 10.73 -3.13 5.18
CA GLU A 151 9.36 -3.06 4.68
C GLU A 151 9.23 -3.80 3.36
N GLU A 152 10.11 -3.50 2.40
CA GLU A 152 10.10 -4.16 1.10
C GLU A 152 10.22 -5.67 1.25
N MET A 153 11.02 -6.14 2.21
CA MET A 153 11.12 -7.57 2.46
C MET A 153 9.78 -8.13 2.91
N ALA A 154 9.06 -7.40 3.76
CA ALA A 154 7.78 -7.90 4.27
C ALA A 154 6.77 -8.08 3.16
N ALA A 155 6.66 -7.11 2.26
CA ALA A 155 5.69 -7.18 1.18
C ALA A 155 5.87 -8.41 0.29
N ALA A 156 6.99 -9.12 0.42
CA ALA A 156 7.28 -10.26 -0.44
C ALA A 156 7.43 -11.58 0.29
N ILE A 157 7.56 -11.58 1.62
CA ILE A 157 7.80 -12.83 2.33
C ILE A 157 6.56 -13.71 2.28
N ASN A 158 6.78 -15.03 2.21
CA ASN A 158 5.70 -16.01 2.31
C ASN A 158 5.50 -16.30 3.79
N ARG A 159 4.46 -15.68 4.37
CA ARG A 159 4.25 -15.73 5.81
C ARG A 159 3.99 -17.15 6.31
N ARG A 160 3.41 -18.00 5.48
CA ARG A 160 3.09 -19.38 5.88
C ARG A 160 4.12 -20.34 5.30
N GLY A 161 5.33 -20.23 5.82
CA GLY A 161 6.43 -21.08 5.39
C GLY A 161 7.18 -21.65 6.57
N THR A 162 7.71 -22.86 6.37
CA THR A 162 8.53 -23.49 7.38
C THR A 162 9.87 -22.78 7.51
N MET A 163 10.40 -22.77 8.72
CA MET A 163 11.66 -22.10 9.00
C MET A 163 12.85 -23.04 8.92
N GLY A 164 12.64 -24.31 8.62
CA GLY A 164 13.73 -25.25 8.47
C GLY A 164 13.91 -26.13 9.72
N TYR A 165 14.49 -27.30 9.49
CA TYR A 165 14.73 -28.24 10.59
C TYR A 165 15.71 -27.67 11.61
N GLN A 166 16.66 -26.85 11.16
CA GLN A 166 17.68 -26.30 12.06
C GLN A 166 17.06 -25.41 13.12
N MET A 167 15.96 -24.73 12.81
CA MET A 167 15.28 -23.86 13.75
C MET A 167 13.90 -24.37 14.13
N GLU A 168 13.58 -25.63 13.81
CA GLU A 168 12.29 -26.18 14.22
C GLU A 168 12.26 -26.43 15.71
N ASN A 169 13.41 -26.77 16.32
CA ASN A 169 13.47 -27.07 17.74
C ASN A 169 13.21 -25.82 18.60
N ARG A 170 13.33 -24.62 18.03
CA ARG A 170 13.17 -23.41 18.82
C ARG A 170 11.74 -23.20 19.29
N GLY A 171 10.77 -23.94 18.74
CA GLY A 171 9.37 -23.75 19.06
C GLY A 171 8.60 -22.96 18.02
N TYR A 172 9.30 -22.31 17.08
CA TYR A 172 8.66 -21.45 16.11
C TYR A 172 7.76 -22.26 15.19
N THR A 173 6.47 -21.87 15.11
CA THR A 173 5.48 -22.66 14.40
C THR A 173 5.31 -22.26 12.93
N ASP A 174 5.67 -21.04 12.56
CA ASP A 174 5.61 -20.59 11.17
C ASP A 174 6.37 -19.28 11.05
N LEU A 175 6.80 -18.98 9.82
CA LEU A 175 7.70 -17.86 9.59
C LEU A 175 7.01 -16.53 9.84
N GLY A 176 5.74 -16.41 9.44
CA GLY A 176 5.06 -15.11 9.54
C GLY A 176 4.94 -14.60 10.96
N SER A 177 4.62 -15.50 11.91
CA SER A 177 4.41 -15.07 13.29
C SER A 177 5.69 -14.53 13.90
N TYR A 178 6.82 -15.20 13.66
CA TYR A 178 8.09 -14.76 14.22
C TYR A 178 8.84 -13.81 13.32
N TRP A 179 8.27 -13.47 12.15
CA TRP A 179 8.78 -12.33 11.39
C TRP A 179 8.42 -11.02 12.08
N ASP A 180 7.32 -11.01 12.82
CA ASP A 180 6.89 -9.82 13.55
C ASP A 180 7.65 -9.62 14.86
N SER A 181 8.32 -10.66 15.35
CA SER A 181 9.03 -10.55 16.63
C SER A 181 10.19 -9.57 16.52
N GLY A 182 10.86 -9.52 15.38
CA GLY A 182 12.03 -8.70 15.20
C GLY A 182 13.34 -9.37 15.55
N GLU A 183 13.30 -10.59 16.11
CA GLU A 183 14.51 -11.32 16.44
C GLU A 183 15.28 -11.79 15.22
N TRP A 184 14.69 -11.72 14.03
CA TRP A 184 15.40 -12.09 12.81
C TRP A 184 16.56 -11.13 12.52
N ARG A 185 16.45 -9.88 12.95
CA ARG A 185 17.49 -8.90 12.67
C ARG A 185 18.82 -9.32 13.30
N GLN A 186 18.77 -9.79 14.55
CA GLN A 186 19.98 -10.35 15.16
C GLN A 186 20.39 -11.66 14.49
N ASP A 187 19.41 -12.45 14.04
CA ASP A 187 19.75 -13.71 13.38
C ASP A 187 20.43 -13.48 12.05
N VAL A 188 19.97 -12.48 11.28
CA VAL A 188 20.48 -12.30 9.92
C VAL A 188 21.85 -11.65 9.93
N ASN A 189 22.10 -10.74 10.86
CA ASN A 189 23.40 -10.07 10.92
C ASN A 189 24.48 -11.02 11.40
N THR A 190 24.18 -11.84 12.41
CA THR A 190 25.15 -12.83 12.88
C THR A 190 25.44 -13.86 11.81
N PHE A 191 24.41 -14.26 11.05
CA PHE A 191 24.63 -15.15 9.92
C PHE A 191 25.33 -14.45 8.77
N LYS A 192 25.21 -13.12 8.70
CA LYS A 192 25.93 -12.34 7.68
C LYS A 192 27.44 -12.41 7.89
N GLN A 193 27.91 -12.47 9.14
CA GLN A 193 29.34 -12.55 9.39
C GLN A 193 29.90 -13.89 8.95
N SER A 194 29.15 -14.98 9.19
CA SER A 194 29.64 -16.30 8.85
C SER A 194 29.80 -16.45 7.34
N LEU A 195 28.76 -16.11 6.58
CA LEU A 195 28.82 -16.27 5.13
C LEU A 195 29.90 -15.39 4.52
N LEU A 196 30.04 -14.16 5.02
CA LEU A 196 30.97 -13.20 4.42
C LEU A 196 32.44 -13.61 4.60
N ALA A 197 32.75 -14.46 5.58
CA ALA A 197 34.14 -14.81 5.84
C ALA A 197 34.26 -16.24 6.39
N GLY A 198 33.52 -17.17 5.82
CA GLY A 198 33.76 -18.58 6.08
C GLY A 198 32.96 -19.16 7.22
N THR A 199 32.89 -20.50 7.18
CA THR A 199 32.11 -21.29 8.12
C THR A 199 30.65 -20.81 8.25
N PRO A 200 29.91 -20.73 7.14
CA PRO A 200 28.54 -20.22 7.23
C PRO A 200 27.66 -21.17 8.02
N THR A 201 26.73 -20.59 8.79
CA THR A 201 25.80 -21.34 9.62
C THR A 201 24.42 -21.37 8.96
N HIS A 202 23.62 -22.38 9.34
CA HIS A 202 22.29 -22.60 8.76
C HIS A 202 22.34 -22.53 7.24
N ALA A 203 23.23 -23.33 6.65
CA ALA A 203 23.51 -23.23 5.22
C ALA A 203 23.22 -24.52 4.46
N VAL A 204 22.48 -25.44 5.07
CA VAL A 204 22.10 -26.70 4.42
C VAL A 204 20.65 -26.58 3.98
N TYR A 205 20.42 -26.77 2.68
CA TYR A 205 19.06 -26.69 2.14
C TYR A 205 18.25 -27.89 2.60
N ASN A 206 16.98 -27.65 2.91
CA ASN A 206 16.09 -28.73 3.30
C ASN A 206 15.13 -29.03 2.16
N THR A 207 14.53 -30.22 2.18
CA THR A 207 13.77 -30.72 1.06
C THR A 207 12.31 -30.98 1.43
N THR A 208 11.42 -30.72 0.48
CA THR A 208 9.99 -30.99 0.62
C THR A 208 9.51 -31.66 -0.66
N ALA A 209 8.47 -32.48 -0.53
CA ALA A 209 8.16 -33.48 -1.55
C ALA A 209 7.55 -32.86 -2.80
N LYS A 210 6.34 -32.29 -2.68
CA LYS A 210 5.56 -31.81 -3.83
C LYS A 210 5.29 -32.93 -4.83
N LYS A 211 5.09 -34.14 -4.29
CA LYS A 211 4.60 -35.30 -5.04
C LYS A 211 5.32 -35.54 -6.38
N ARG A 226 8.52 -33.15 -7.89
CA ARG A 226 9.27 -31.91 -7.91
C ARG A 226 9.83 -31.59 -6.53
N ILE A 227 11.11 -31.87 -6.32
CA ILE A 227 11.75 -31.62 -5.02
C ILE A 227 12.02 -30.14 -4.86
N ILE A 228 11.38 -29.53 -3.87
CA ILE A 228 11.59 -28.13 -3.53
C ILE A 228 12.75 -28.01 -2.56
N GLN A 229 13.65 -27.06 -2.83
CA GLN A 229 14.86 -26.85 -2.04
C GLN A 229 14.76 -25.50 -1.35
N TYR A 230 14.47 -25.52 -0.05
CA TYR A 230 14.29 -24.29 0.71
C TYR A 230 15.38 -24.14 1.77
N LEU A 231 15.71 -22.89 2.06
CA LEU A 231 16.74 -22.45 2.96
C LEU A 231 16.09 -21.85 4.21
N PRO A 232 16.74 -21.94 5.38
CA PRO A 232 16.11 -21.43 6.61
C PRO A 232 15.68 -19.98 6.50
N ALA A 233 14.75 -19.61 7.40
CA ALA A 233 14.15 -18.28 7.35
C ALA A 233 15.18 -17.17 7.54
N ASP A 234 16.24 -17.44 8.30
CA ASP A 234 17.31 -16.46 8.46
C ASP A 234 17.95 -16.12 7.11
N ALA A 235 18.29 -17.13 6.33
CA ALA A 235 18.95 -16.91 5.04
C ALA A 235 17.98 -16.33 4.01
N ARG A 236 16.74 -16.83 3.99
CA ARG A 236 15.73 -16.29 3.09
C ARG A 236 15.66 -14.77 3.18
N LEU A 237 15.71 -14.25 4.40
CA LEU A 237 15.65 -12.80 4.58
C LEU A 237 16.91 -12.14 4.08
N TYR A 238 18.06 -12.80 4.23
CA TYR A 238 19.32 -12.24 3.75
C TYR A 238 19.33 -12.11 2.23
N GLU A 239 19.01 -13.20 1.52
CA GLU A 239 19.00 -13.15 0.07
C GLU A 239 17.97 -12.14 -0.44
N LEU A 240 16.83 -12.02 0.25
CA LEU A 240 15.83 -11.05 -0.13
C LEU A 240 16.32 -9.62 0.07
N ARG A 241 17.18 -9.41 1.08
CA ARG A 241 17.66 -8.06 1.36
C ARG A 241 18.63 -7.58 0.29
N VAL A 242 19.44 -8.47 -0.27
CA VAL A 242 20.45 -8.10 -1.25
C VAL A 242 19.96 -8.30 -2.68
N LEU A 243 19.30 -9.43 -2.96
CA LEU A 243 18.95 -9.78 -4.33
C LEU A 243 17.47 -9.61 -4.62
N GLY A 244 16.72 -9.00 -3.72
CA GLY A 244 15.29 -8.79 -3.96
C GLY A 244 15.01 -7.70 -4.97
N GLY A 245 15.89 -6.71 -5.03
CA GLY A 245 15.77 -5.61 -5.98
C GLY A 245 15.98 -5.98 -7.42
N LEU A 246 16.29 -7.25 -7.70
CA LEU A 246 16.38 -7.70 -9.08
C LEU A 246 15.05 -7.60 -9.81
N HIS A 247 13.95 -7.61 -9.06
CA HIS A 247 12.62 -7.51 -9.67
C HIS A 247 12.48 -6.24 -10.49
N LYS A 248 13.10 -5.15 -10.05
CA LYS A 248 12.88 -3.85 -10.69
C LYS A 248 13.39 -3.84 -12.12
N PHE A 249 14.59 -4.39 -12.32
CA PHE A 249 15.19 -4.41 -13.65
C PHE A 249 14.33 -5.18 -14.64
N LEU A 250 13.68 -6.25 -14.18
CA LEU A 250 12.81 -7.04 -15.05
C LEU A 250 11.53 -6.30 -15.40
N GLU A 251 11.11 -5.35 -14.57
CA GLU A 251 9.91 -4.58 -14.87
C GLU A 251 10.19 -3.51 -15.93
N ALA A 252 11.43 -3.03 -16.01
CA ALA A 252 11.79 -1.97 -16.95
C ALA A 252 12.08 -2.48 -18.35
N SER A 253 12.15 -3.79 -18.57
CA SER A 253 12.60 -4.35 -19.83
C SER A 253 11.43 -5.02 -20.56
N ASP A 254 11.38 -4.81 -21.87
CA ASP A 254 10.30 -5.33 -22.71
C ASP A 254 10.40 -6.84 -22.96
N TRP A 255 11.36 -7.53 -22.36
CA TRP A 255 11.49 -8.97 -22.55
C TRP A 255 11.12 -9.77 -21.31
N SER A 256 10.65 -9.12 -20.25
CA SER A 256 10.10 -9.79 -19.08
C SER A 256 8.62 -9.47 -18.94
N VAL A 257 7.95 -10.27 -18.11
CA VAL A 257 6.55 -10.04 -17.73
C VAL A 257 6.46 -9.99 -16.21
N ALA A 258 7.58 -9.67 -15.55
CA ALA A 258 7.58 -9.58 -14.09
C ALA A 258 6.68 -8.43 -13.63
N GLY A 259 5.78 -8.73 -12.70
CA GLY A 259 4.87 -7.72 -12.21
C GLY A 259 3.48 -7.82 -12.80
N GLN A 260 3.40 -7.97 -14.11
CA GLN A 260 2.11 -7.98 -14.80
C GLN A 260 1.38 -9.30 -14.59
N GLY A 261 0.05 -9.23 -14.62
CA GLY A 261 -0.79 -10.39 -14.44
C GLY A 261 -1.03 -11.15 -15.72
N LEU A 262 -1.59 -12.35 -15.56
CA LEU A 262 -1.87 -13.21 -16.71
C LEU A 262 -2.76 -12.52 -17.73
N TYR A 263 -3.62 -11.60 -17.29
CA TYR A 263 -4.49 -10.91 -18.22
C TYR A 263 -3.74 -9.96 -19.14
N LYS A 264 -2.44 -9.74 -18.91
CA LYS A 264 -1.65 -8.88 -19.77
C LYS A 264 -0.58 -9.66 -20.52
N TYR A 265 -0.51 -10.98 -20.32
CA TYR A 265 0.49 -11.77 -21.04
C TYR A 265 0.13 -11.90 -22.51
N GLY A 266 -1.16 -12.08 -22.80
CA GLY A 266 -1.56 -12.34 -24.18
C GLY A 266 -1.21 -11.20 -25.12
N ASP A 267 -1.60 -9.98 -24.77
CA ASP A 267 -1.34 -8.83 -25.62
C ASP A 267 0.16 -8.57 -25.79
N ARG A 268 0.96 -8.93 -24.80
CA ARG A 268 2.41 -8.84 -24.94
C ARG A 268 2.92 -9.83 -25.99
N VAL A 269 2.35 -11.04 -26.03
CA VAL A 269 2.70 -12.00 -27.06
C VAL A 269 2.28 -11.49 -28.43
N LYS A 270 1.03 -11.01 -28.53
CA LYS A 270 0.49 -10.58 -29.82
C LYS A 270 1.26 -9.39 -30.37
N LYS A 271 1.77 -8.51 -29.50
CA LYS A 271 2.55 -7.38 -29.98
C LYS A 271 3.83 -7.85 -30.64
N ALA A 272 4.46 -8.90 -30.11
CA ALA A 272 5.69 -9.40 -30.68
C ALA A 272 5.44 -10.08 -32.03
N MET A 273 4.33 -10.81 -32.13
CA MET A 273 3.99 -11.47 -33.39
C MET A 273 3.82 -10.46 -34.50
N ASN A 274 3.14 -9.34 -34.22
CA ASN A 274 2.84 -8.34 -35.24
C ASN A 274 4.10 -7.70 -35.81
N ALA A 275 5.21 -7.68 -35.06
CA ALA A 275 6.45 -7.11 -35.56
C ALA A 275 7.38 -8.15 -36.18
N THR A 276 7.23 -9.43 -35.82
CA THR A 276 8.13 -10.48 -36.27
C THR A 276 7.44 -11.49 -37.17
N GLY A 277 6.38 -12.14 -36.68
CA GLY A 277 5.64 -13.07 -37.52
C GLY A 277 5.88 -14.53 -37.21
N ALA A 278 7.11 -14.88 -36.82
CA ALA A 278 7.50 -16.26 -36.53
C ALA A 278 8.00 -16.36 -35.10
N ALA A 279 7.52 -17.37 -34.38
CA ALA A 279 7.86 -17.57 -32.98
C ALA A 279 8.40 -18.98 -32.77
N ILE A 280 9.32 -19.10 -31.82
CA ILE A 280 9.95 -20.37 -31.47
C ILE A 280 9.85 -20.51 -29.95
N ALA A 281 9.12 -21.51 -29.50
CA ALA A 281 8.88 -21.72 -28.07
C ALA A 281 9.35 -23.13 -27.69
N GLU A 282 10.53 -23.21 -27.08
CA GLU A 282 11.13 -24.48 -26.68
C GLU A 282 11.38 -24.49 -25.18
N ASP A 283 11.03 -25.60 -24.55
CA ASP A 283 11.23 -25.77 -23.13
C ASP A 283 12.49 -26.59 -22.86
N ILE A 284 13.17 -26.26 -21.77
CA ILE A 284 14.27 -27.05 -21.29
C ILE A 284 13.75 -27.98 -20.21
N ALA A 285 13.99 -29.28 -20.36
CA ALA A 285 13.57 -30.24 -19.36
C ALA A 285 14.36 -30.02 -18.08
N GLY A 286 13.66 -29.82 -16.96
CA GLY A 286 14.32 -29.63 -15.68
C GLY A 286 15.41 -28.58 -15.73
N TRP A 287 15.01 -27.31 -15.86
CA TRP A 287 15.98 -26.23 -16.02
C TRP A 287 16.80 -26.01 -14.76
N ASP A 288 16.15 -26.10 -13.59
CA ASP A 288 16.85 -25.90 -12.32
C ASP A 288 18.00 -26.89 -12.15
N THR A 289 17.81 -28.12 -12.62
CA THR A 289 18.81 -29.16 -12.50
C THR A 289 19.83 -29.14 -13.63
N LYS A 290 19.69 -28.25 -14.61
CA LYS A 290 20.58 -28.21 -15.76
C LYS A 290 21.48 -26.97 -15.81
N VAL A 291 21.33 -26.04 -14.86
CA VAL A 291 22.19 -24.87 -14.80
C VAL A 291 23.54 -25.29 -14.22
N SER A 292 24.63 -24.83 -14.84
CA SER A 292 25.98 -25.17 -14.40
C SER A 292 26.53 -24.09 -13.48
N LYS A 293 27.56 -24.46 -12.71
CA LYS A 293 28.22 -23.50 -11.83
C LYS A 293 28.87 -22.38 -12.63
N GLY A 294 29.36 -22.69 -13.83
CA GLY A 294 29.93 -21.65 -14.67
C GLY A 294 28.92 -20.56 -15.00
N LEU A 295 27.66 -20.96 -15.24
CA LEU A 295 26.61 -19.98 -15.42
C LEU A 295 26.32 -19.23 -14.13
N LEU A 296 26.46 -19.90 -12.98
CA LEU A 296 26.30 -19.23 -11.69
C LEU A 296 27.42 -18.24 -11.43
N THR A 297 28.60 -18.43 -12.04
CA THR A 297 29.70 -17.47 -11.89
C THR A 297 29.46 -16.23 -12.73
N LEU A 298 28.94 -16.40 -13.95
CA LEU A 298 28.53 -15.24 -14.75
C LEU A 298 27.34 -14.53 -14.12
N GLU A 299 26.49 -15.27 -13.41
CA GLU A 299 25.39 -14.65 -12.68
C GLU A 299 25.92 -13.74 -11.57
N ALA A 300 26.67 -14.32 -10.64
CA ALA A 300 27.20 -13.58 -9.50
C ALA A 300 27.98 -12.35 -9.95
N HIS A 301 28.83 -12.51 -10.98
CA HIS A 301 29.69 -11.42 -11.40
C HIS A 301 28.88 -10.27 -12.01
N MET A 302 27.82 -10.60 -12.75
CA MET A 302 26.95 -9.56 -13.30
C MET A 302 26.25 -8.79 -12.20
N PHE A 303 25.68 -9.49 -11.22
CA PHE A 303 25.09 -8.82 -10.08
C PHE A 303 26.14 -8.06 -9.27
N CYS A 304 27.39 -8.51 -9.34
CA CYS A 304 28.49 -7.80 -8.69
C CYS A 304 28.80 -6.51 -9.43
N ARG A 305 28.72 -6.53 -10.77
CA ARG A 305 28.88 -5.32 -11.56
C ARG A 305 27.68 -4.39 -11.44
N LEU A 306 26.59 -4.86 -10.82
CA LEU A 306 25.38 -4.08 -10.64
C LEU A 306 25.15 -3.66 -9.21
N ALA A 307 25.95 -4.17 -8.27
CA ALA A 307 25.77 -3.87 -6.87
C ALA A 307 25.95 -2.38 -6.62
N GLU A 308 25.32 -1.90 -5.54
CA GLU A 308 25.31 -0.47 -5.24
C GLU A 308 26.67 -0.02 -4.69
N ASP A 309 27.21 -0.75 -3.73
CA ASP A 309 28.47 -0.42 -3.10
C ASP A 309 29.38 -1.64 -3.15
N ALA A 310 30.64 -1.42 -2.78
CA ALA A 310 31.61 -2.51 -2.78
C ALA A 310 31.27 -3.57 -1.73
N GLU A 311 30.64 -3.17 -0.63
CA GLU A 311 30.25 -4.16 0.37
C GLU A 311 29.17 -5.09 -0.18
N MET A 312 28.20 -4.55 -0.92
CA MET A 312 27.20 -5.39 -1.56
C MET A 312 27.83 -6.41 -2.49
N GLU A 313 28.93 -6.04 -3.15
CA GLU A 313 29.63 -6.99 -4.01
C GLU A 313 30.05 -8.23 -3.23
N LYS A 314 30.58 -8.05 -2.02
CA LYS A 314 30.96 -9.19 -1.20
C LYS A 314 29.73 -9.98 -0.76
N GLU A 315 28.60 -9.30 -0.54
CA GLU A 315 27.39 -10.00 -0.10
C GLU A 315 26.83 -10.88 -1.21
N ILE A 316 26.86 -10.41 -2.46
CA ILE A 316 26.33 -11.20 -3.56
C ILE A 316 27.26 -12.37 -3.87
N HIS A 317 28.57 -12.14 -3.84
CA HIS A 317 29.53 -13.20 -4.16
C HIS A 317 29.56 -14.26 -3.07
N SER A 318 29.55 -13.85 -1.81
CA SER A 318 29.52 -14.79 -0.70
C SER A 318 28.26 -15.65 -0.74
N LEU A 319 27.13 -15.05 -1.10
CA LEU A 319 25.88 -15.81 -1.21
C LEU A 319 25.97 -16.84 -2.32
N TYR A 320 26.60 -16.48 -3.44
CA TYR A 320 26.78 -17.40 -4.55
C TYR A 320 27.86 -18.44 -4.29
N ARG A 321 28.67 -18.25 -3.25
CA ARG A 321 29.54 -19.33 -2.79
C ARG A 321 28.72 -20.45 -2.16
N LEU A 322 27.66 -20.11 -1.44
CA LEU A 322 26.73 -21.12 -0.96
C LEU A 322 25.78 -21.58 -2.06
N TYR A 323 25.42 -20.69 -3.00
CA TYR A 323 24.53 -21.10 -4.08
C TYR A 323 25.18 -22.17 -4.96
N ALA A 324 26.37 -21.89 -5.47
CA ALA A 324 27.14 -22.97 -6.07
C ALA A 324 27.53 -23.96 -4.97
N ASN A 325 27.97 -25.16 -5.41
CA ASN A 325 28.36 -26.28 -4.54
C ASN A 325 27.56 -26.33 -3.25
N PRO A 326 26.27 -26.62 -3.32
CA PRO A 326 25.41 -26.54 -2.13
C PRO A 326 25.45 -27.84 -1.32
N TYR A 327 24.75 -27.82 -0.20
CA TYR A 327 24.54 -28.99 0.65
C TYR A 327 23.06 -29.08 0.99
N MET A 328 22.56 -30.32 1.10
CA MET A 328 21.14 -30.52 1.35
C MET A 328 20.91 -31.90 1.92
N VAL A 329 19.73 -32.10 2.52
CA VAL A 329 19.35 -33.36 3.13
C VAL A 329 18.06 -33.87 2.49
N VAL A 330 18.03 -35.16 2.17
CA VAL A 330 16.89 -35.80 1.54
C VAL A 330 16.60 -37.12 2.26
N GLN A 331 15.33 -37.48 2.34
CA GLN A 331 14.92 -38.72 3.00
C GLN A 331 14.87 -39.89 2.02
N ARG A 332 14.94 -41.09 2.59
CA ARG A 332 14.88 -42.33 1.82
C ARG A 332 14.48 -43.46 2.74
N GLU A 333 13.92 -44.52 2.16
CA GLU A 333 13.53 -45.72 2.88
C GLU A 333 14.31 -46.90 2.31
N ILE A 334 15.31 -47.37 3.05
CA ILE A 334 16.09 -48.54 2.68
C ILE A 334 15.89 -49.60 3.76
N GLU A 335 15.34 -50.74 3.36
CA GLU A 335 15.06 -51.87 4.25
C GLU A 335 14.23 -51.43 5.46
N GLY A 336 13.16 -50.68 5.18
CA GLY A 336 12.23 -50.31 6.23
C GLY A 336 12.76 -49.36 7.26
N GLU A 337 13.86 -48.67 6.95
CA GLU A 337 14.44 -47.67 7.84
C GLU A 337 14.46 -46.35 7.09
N VAL A 338 13.82 -45.32 7.66
CA VAL A 338 13.79 -43.99 7.08
C VAL A 338 14.99 -43.21 7.60
N HIS A 339 15.69 -42.51 6.70
CA HIS A 339 16.90 -41.79 7.04
C HIS A 339 16.85 -40.38 6.48
N ASP A 340 17.46 -39.44 7.22
CA ASP A 340 17.71 -38.10 6.72
C ASP A 340 19.13 -38.07 6.18
N VAL A 341 19.25 -38.13 4.85
CA VAL A 341 20.53 -38.33 4.17
C VAL A 341 21.04 -36.98 3.71
N LEU A 342 22.24 -36.61 4.16
CA LEU A 342 22.86 -35.37 3.73
C LEU A 342 23.64 -35.58 2.44
N LEU A 343 23.54 -34.62 1.53
CA LEU A 343 24.22 -34.70 0.24
C LEU A 343 24.74 -33.33 -0.15
N ARG A 344 25.62 -33.32 -1.14
CA ARG A 344 26.22 -32.11 -1.67
C ARG A 344 26.33 -32.22 -3.18
N GLY A 345 26.09 -31.12 -3.88
CA GLY A 345 26.16 -31.09 -5.32
C GLY A 345 27.10 -29.99 -5.79
N ARG A 346 26.71 -29.36 -6.90
CA ARG A 346 27.47 -28.25 -7.44
C ARG A 346 26.71 -27.50 -8.54
N GLY A 347 26.54 -26.20 -8.37
CA GLY A 347 26.10 -25.33 -9.46
C GLY A 347 24.66 -25.45 -9.88
N GLN A 348 23.82 -26.16 -9.14
CA GLN A 348 22.41 -26.26 -9.51
C GLN A 348 21.61 -25.12 -8.87
N VAL A 349 20.44 -24.85 -9.45
CA VAL A 349 19.59 -23.76 -9.01
C VAL A 349 18.54 -24.31 -8.06
N SER A 350 18.24 -23.55 -7.00
CA SER A 350 17.32 -23.98 -5.96
C SER A 350 15.93 -23.38 -6.20
N SER A 351 14.90 -24.18 -5.93
CA SER A 351 13.53 -23.75 -6.20
C SER A 351 13.06 -22.71 -5.19
N GLY A 352 13.32 -22.94 -3.90
CA GLY A 352 12.82 -22.08 -2.86
C GLY A 352 13.73 -20.92 -2.50
N ARG A 353 13.83 -19.96 -3.41
CA ARG A 353 14.59 -18.73 -3.17
C ARG A 353 13.78 -17.57 -3.69
N GLN A 354 13.86 -16.43 -3.01
CA GLN A 354 13.20 -15.25 -3.58
C GLN A 354 13.87 -14.83 -4.88
N PRO A 355 15.20 -14.67 -4.95
CA PRO A 355 15.80 -14.20 -6.21
C PRO A 355 15.90 -15.27 -7.29
N THR A 356 15.44 -16.51 -7.06
CA THR A 356 15.69 -17.53 -8.08
C THR A 356 14.92 -17.25 -9.36
N TYR A 357 13.67 -16.81 -9.26
CA TYR A 357 12.90 -16.51 -10.47
C TYR A 357 13.57 -15.40 -11.28
N ALA A 358 13.97 -14.33 -10.60
CA ALA A 358 14.65 -13.22 -11.27
C ALA A 358 15.91 -13.68 -11.97
N ALA A 359 16.78 -14.38 -11.23
CA ALA A 359 18.00 -14.94 -11.80
C ALA A 359 17.71 -15.84 -13.00
N ASN A 360 16.86 -16.85 -12.80
CA ASN A 360 16.55 -17.79 -13.87
C ASN A 360 16.05 -17.08 -15.12
N THR A 361 15.32 -15.97 -14.95
CA THR A 361 14.85 -15.23 -16.12
C THR A 361 16.00 -14.58 -16.87
N ILE A 362 16.81 -13.77 -16.18
CA ILE A 362 17.98 -13.15 -16.81
C ILE A 362 18.88 -14.21 -17.43
N THR A 363 19.19 -15.26 -16.66
CA THR A 363 20.04 -16.34 -17.17
C THR A 363 19.44 -16.98 -18.41
N ASN A 364 18.14 -17.25 -18.41
CA ASN A 364 17.49 -17.77 -19.60
C ASN A 364 17.61 -16.79 -20.76
N PHE A 365 17.38 -15.50 -20.48
CA PHE A 365 17.43 -14.49 -21.54
C PHE A 365 18.81 -14.44 -22.19
N VAL A 366 19.87 -14.47 -21.37
CA VAL A 366 21.22 -14.25 -21.89
C VAL A 366 21.69 -15.45 -22.69
N THR A 367 21.55 -16.67 -22.14
CA THR A 367 21.94 -17.86 -22.89
C THR A 367 21.16 -17.96 -24.20
N THR A 368 19.89 -17.51 -24.21
CA THR A 368 19.10 -17.54 -25.44
C THR A 368 19.66 -16.57 -26.47
N VAL A 369 19.79 -15.28 -26.10
CA VAL A 369 20.25 -14.28 -27.07
C VAL A 369 21.65 -14.61 -27.57
N TYR A 370 22.51 -15.14 -26.71
CA TYR A 370 23.85 -15.52 -27.15
C TYR A 370 23.78 -16.53 -28.27
N GLY A 371 22.98 -17.58 -28.10
CA GLY A 371 22.81 -18.55 -29.16
C GLY A 371 22.25 -17.94 -30.43
N MET A 372 21.33 -16.98 -30.29
CA MET A 372 20.73 -16.34 -31.46
C MET A 372 21.75 -15.51 -32.22
N ALA A 373 22.60 -14.77 -31.50
CA ALA A 373 23.67 -14.04 -32.16
C ALA A 373 24.65 -15.00 -32.85
N ARG A 374 24.94 -16.14 -32.22
CA ARG A 374 25.88 -17.07 -32.80
C ARG A 374 25.28 -17.82 -34.00
N ALA A 375 23.95 -17.92 -34.08
CA ALA A 375 23.33 -18.66 -35.17
C ALA A 375 22.88 -17.78 -36.32
N LEU A 376 22.53 -16.52 -36.08
CA LEU A 376 22.12 -15.60 -37.14
C LEU A 376 23.30 -14.87 -37.77
N ASP A 377 24.51 -15.14 -37.29
CA ASP A 377 25.74 -14.47 -37.71
C ASP A 377 25.64 -12.99 -37.35
N ILE A 378 25.51 -12.68 -36.07
CA ILE A 378 25.40 -11.30 -35.61
C ILE A 378 26.76 -10.88 -35.05
N PRO A 379 27.53 -10.03 -35.74
CA PRO A 379 28.87 -9.60 -35.26
C PRO A 379 28.91 -9.17 -33.79
N GLU A 380 29.99 -9.50 -33.11
CA GLU A 380 30.15 -9.11 -31.72
C GLU A 380 30.10 -7.59 -31.54
N ALA A 381 30.47 -6.84 -32.58
CA ALA A 381 30.36 -5.38 -32.57
C ALA A 381 28.92 -4.90 -32.64
N ASP A 382 27.97 -5.78 -32.91
CA ASP A 382 26.55 -5.43 -33.04
C ASP A 382 25.73 -5.86 -31.84
N TRP A 383 26.34 -6.53 -30.86
CA TRP A 383 25.63 -7.09 -29.71
C TRP A 383 25.09 -6.01 -28.77
N PRO A 384 25.86 -4.95 -28.45
CA PRO A 384 25.28 -3.91 -27.57
C PRO A 384 23.98 -3.31 -28.07
N GLU A 385 23.77 -3.26 -29.38
CA GLU A 385 22.49 -2.77 -29.87
C GLU A 385 21.40 -3.83 -29.79
N LEU A 386 21.76 -5.10 -29.98
CA LEU A 386 20.79 -6.19 -29.85
C LEU A 386 20.14 -6.17 -28.48
N VAL A 387 20.95 -6.10 -27.42
CA VAL A 387 20.42 -6.15 -26.06
C VAL A 387 19.60 -4.90 -25.75
N ARG A 388 19.93 -3.77 -26.37
CA ARG A 388 19.12 -2.58 -26.18
C ARG A 388 17.81 -2.68 -26.94
N SER A 389 17.88 -3.07 -28.22
CA SER A 389 16.69 -3.27 -29.01
C SER A 389 15.74 -4.27 -28.35
N LEU A 390 16.30 -5.31 -27.72
CA LEU A 390 15.46 -6.32 -27.08
C LEU A 390 14.85 -5.79 -25.78
N THR A 391 15.63 -5.06 -24.99
CA THR A 391 15.10 -4.44 -23.77
C THR A 391 14.07 -3.36 -24.11
N ASP A 392 14.39 -2.51 -25.09
CA ASP A 392 13.43 -1.49 -25.49
C ASP A 392 12.24 -2.10 -26.22
N GLY A 393 12.44 -3.19 -26.94
CA GLY A 393 11.36 -3.76 -27.74
C GLY A 393 11.25 -3.09 -29.08
N SER A 394 12.38 -3.06 -29.81
CA SER A 394 12.47 -2.48 -31.14
C SER A 394 13.28 -3.41 -32.03
N GLY A 395 12.85 -3.56 -33.27
CA GLY A 395 13.51 -4.41 -34.25
C GLY A 395 12.66 -5.60 -34.64
N ASP A 396 13.19 -6.37 -35.59
CA ASP A 396 12.56 -7.60 -36.04
C ASP A 396 12.92 -8.76 -35.12
N ARG A 397 13.16 -8.45 -33.84
CA ARG A 397 13.70 -9.39 -32.88
C ARG A 397 13.17 -9.04 -31.49
N ARG A 398 12.36 -9.92 -30.92
CA ARG A 398 11.71 -9.68 -29.65
C ARG A 398 11.70 -10.97 -28.86
N LEU A 399 11.72 -10.84 -27.53
CA LEU A 399 11.84 -11.97 -26.65
C LEU A 399 10.92 -11.80 -25.44
N LEU A 400 10.42 -12.92 -24.94
CA LEU A 400 9.53 -12.94 -23.78
C LEU A 400 10.02 -14.02 -22.84
N VAL A 401 10.41 -13.65 -21.62
CA VAL A 401 11.03 -14.57 -20.68
C VAL A 401 10.27 -14.53 -19.36
N SER A 402 10.12 -15.71 -18.73
CA SER A 402 9.53 -15.84 -17.40
C SER A 402 10.07 -17.14 -16.81
N GLY A 403 11.13 -17.02 -16.01
CA GLY A 403 11.75 -18.21 -15.45
C GLY A 403 12.32 -19.08 -16.55
N ASP A 404 12.00 -20.37 -16.50
CA ASP A 404 12.51 -21.28 -17.51
C ASP A 404 11.78 -21.15 -18.84
N ASP A 405 10.81 -20.25 -18.94
CA ASP A 405 9.91 -20.18 -20.09
C ASP A 405 10.31 -19.01 -20.99
N LYS A 406 10.20 -19.21 -22.31
CA LYS A 406 10.53 -18.17 -23.26
C LYS A 406 9.75 -18.38 -24.55
N VAL A 407 9.63 -17.31 -25.34
CA VAL A 407 9.19 -17.37 -26.73
C VAL A 407 10.04 -16.40 -27.53
N LEU A 408 10.81 -16.93 -28.48
CA LEU A 408 11.72 -16.12 -29.30
C LEU A 408 11.01 -15.70 -30.58
N PHE A 409 10.86 -14.39 -30.75
CA PHE A 409 10.15 -13.80 -31.88
C PHE A 409 11.15 -13.31 -32.92
N LEU A 410 11.08 -13.87 -34.12
CA LEU A 410 12.03 -13.56 -35.17
C LEU A 410 11.29 -13.32 -36.47
N ARG A 411 11.98 -12.70 -37.43
CA ARG A 411 11.46 -12.59 -38.78
C ARG A 411 11.47 -13.96 -39.44
N GLY A 412 10.54 -14.14 -40.39
CA GLY A 412 10.33 -15.40 -41.08
C GLY A 412 11.58 -16.09 -41.59
N ASP A 413 12.56 -15.31 -42.04
CA ASP A 413 13.79 -15.87 -42.59
C ASP A 413 14.92 -15.94 -41.58
N GLU A 414 14.91 -15.10 -40.53
CA GLU A 414 15.82 -15.28 -39.41
C GLU A 414 15.36 -16.37 -38.46
N ALA A 415 14.06 -16.69 -38.50
CA ALA A 415 13.56 -17.84 -37.75
C ALA A 415 13.94 -19.15 -38.41
N ARG A 416 14.05 -19.17 -39.74
CA ARG A 416 14.48 -20.38 -40.43
C ARG A 416 15.97 -20.66 -40.18
N THR A 417 16.78 -19.61 -40.01
CA THR A 417 18.19 -19.81 -39.69
C THR A 417 18.36 -20.25 -38.24
N TYR A 418 17.58 -19.68 -37.32
CA TYR A 418 17.69 -20.03 -35.91
C TYR A 418 17.26 -21.48 -35.65
N SER A 419 16.24 -21.96 -36.36
CA SER A 419 15.76 -23.32 -36.12
C SER A 419 16.78 -24.38 -36.50
N LYS A 420 17.61 -24.11 -37.51
CA LYS A 420 18.53 -25.10 -38.02
C LYS A 420 19.89 -25.08 -37.34
N LYS A 421 20.26 -23.97 -36.70
CA LYS A 421 21.62 -23.79 -36.22
C LYS A 421 21.77 -23.52 -34.73
N ALA A 422 20.71 -23.14 -34.02
CA ALA A 422 20.87 -22.60 -32.67
C ALA A 422 20.91 -23.65 -31.57
N PHE A 423 20.29 -24.82 -31.77
CA PHE A 423 20.25 -25.82 -30.69
C PHE A 423 21.65 -26.27 -30.28
N ARG A 424 22.60 -26.26 -31.21
CA ARG A 424 23.96 -26.70 -30.90
C ARG A 424 24.57 -25.84 -29.80
N TYR A 425 24.27 -24.54 -29.80
CA TYR A 425 24.79 -23.66 -28.76
C TYR A 425 24.14 -23.94 -27.41
N GLY A 426 22.89 -24.41 -27.42
CA GLY A 426 22.21 -24.75 -26.18
C GLY A 426 22.69 -26.08 -25.65
N ASN A 427 22.76 -27.09 -26.52
CA ASN A 427 23.22 -28.41 -26.12
C ASN A 427 24.63 -28.38 -25.56
N ASP A 428 25.48 -27.50 -26.09
CA ASP A 428 26.82 -27.32 -25.53
C ASP A 428 26.75 -26.82 -24.09
N MET A 429 25.81 -25.91 -23.81
CA MET A 429 25.69 -25.34 -22.48
C MET A 429 24.96 -26.25 -21.51
N GLY A 430 24.56 -27.45 -21.93
CA GLY A 430 23.87 -28.38 -21.09
C GLY A 430 22.36 -28.23 -21.04
N LEU A 431 21.78 -27.40 -21.90
CA LEU A 431 20.36 -27.07 -21.88
C LEU A 431 19.71 -27.79 -23.05
N VAL A 432 19.30 -29.02 -22.82
CA VAL A 432 18.67 -29.84 -23.86
C VAL A 432 17.17 -29.61 -23.83
N ARG A 433 16.56 -29.56 -25.00
CA ARG A 433 15.14 -29.26 -25.12
C ARG A 433 14.30 -30.47 -24.77
N LYS A 434 13.13 -30.22 -24.16
CA LYS A 434 12.26 -31.29 -23.71
C LYS A 434 11.44 -31.82 -24.87
N ASP A 435 11.42 -33.14 -25.03
CA ASP A 435 10.61 -33.82 -26.03
C ASP A 435 11.00 -33.36 -27.44
N MET A 436 12.30 -33.41 -27.72
CA MET A 436 12.81 -33.11 -29.05
C MET A 436 14.12 -33.87 -29.24
N GLY A 437 14.47 -34.08 -30.51
CA GLY A 437 15.78 -34.65 -30.80
C GLY A 437 16.89 -33.67 -30.48
N LEU A 438 18.00 -34.21 -29.96
CA LEU A 438 19.11 -33.38 -29.52
C LEU A 438 19.51 -32.34 -30.57
N GLU A 439 19.48 -32.71 -31.85
CA GLU A 439 19.82 -31.79 -32.92
C GLU A 439 18.64 -31.58 -33.88
N GLN A 440 17.43 -31.83 -33.40
CA GLN A 440 16.25 -31.64 -34.23
C GLN A 440 16.00 -30.16 -34.49
N GLU A 441 15.52 -29.86 -35.69
CA GLU A 441 15.26 -28.49 -36.05
C GLU A 441 14.07 -27.95 -35.26
N SER A 442 14.22 -26.74 -34.73
CA SER A 442 13.15 -26.05 -34.03
C SER A 442 11.96 -25.89 -34.96
N GLU A 443 10.77 -25.84 -34.35
CA GLU A 443 9.53 -25.68 -35.09
C GLU A 443 9.12 -24.22 -35.05
N ILE A 444 8.92 -23.64 -36.24
CA ILE A 444 8.57 -22.23 -36.37
C ILE A 444 7.05 -22.11 -36.28
N ILE A 445 6.57 -21.28 -35.36
CA ILE A 445 5.14 -21.12 -35.12
C ILE A 445 4.64 -19.87 -35.83
N THR A 446 3.44 -19.97 -36.40
CA THR A 446 2.79 -18.86 -37.09
C THR A 446 1.52 -18.40 -36.42
N ASP A 447 0.60 -19.32 -36.11
CA ASP A 447 -0.65 -18.93 -35.47
C ASP A 447 -0.36 -18.46 -34.05
N VAL A 448 -0.74 -17.22 -33.76
CA VAL A 448 -0.49 -16.64 -32.44
C VAL A 448 -1.14 -17.49 -31.36
N ARG A 449 -2.29 -18.09 -31.65
CA ARG A 449 -3.07 -18.86 -30.70
C ARG A 449 -2.44 -20.21 -30.36
N GLU A 450 -1.30 -20.57 -30.95
CA GLU A 450 -0.61 -21.82 -30.65
C GLU A 450 0.72 -21.59 -29.95
N ILE A 451 1.00 -20.36 -29.52
CA ILE A 451 2.20 -20.05 -28.76
C ILE A 451 1.95 -20.39 -27.29
N SER A 452 2.93 -21.04 -26.66
CA SER A 452 2.78 -21.55 -25.30
C SER A 452 3.75 -20.82 -24.38
N PHE A 453 3.21 -19.92 -23.56
CA PHE A 453 3.97 -19.12 -22.60
C PHE A 453 3.26 -19.18 -21.26
N CYS A 454 3.98 -19.58 -20.21
CA CYS A 454 3.45 -19.70 -18.86
C CYS A 454 2.24 -20.66 -18.82
N SER A 455 2.45 -21.84 -19.39
CA SER A 455 1.48 -22.94 -19.37
C SER A 455 0.15 -22.57 -20.05
N HIS A 456 0.07 -21.38 -20.63
CA HIS A 456 -1.18 -20.88 -21.19
C HIS A 456 -1.01 -20.56 -22.68
N GLN A 457 -2.09 -20.76 -23.42
CA GLN A 457 -2.24 -20.21 -24.77
C GLN A 457 -3.06 -18.93 -24.66
N TYR A 458 -3.15 -18.19 -25.77
CA TYR A 458 -3.74 -16.85 -25.73
C TYR A 458 -4.60 -16.66 -26.97
N TRP A 459 -5.91 -16.72 -26.77
CA TRP A 459 -6.85 -16.61 -27.86
C TRP A 459 -7.44 -15.21 -27.88
N PRO A 460 -7.93 -14.74 -29.05
CA PRO A 460 -8.43 -13.37 -29.14
C PRO A 460 -9.86 -13.27 -28.62
N VAL A 461 -10.11 -12.27 -27.76
CA VAL A 461 -11.42 -12.03 -27.18
C VAL A 461 -11.77 -10.56 -27.41
N LYS A 462 -13.05 -10.30 -27.68
CA LYS A 462 -13.52 -8.96 -27.99
C LYS A 462 -14.10 -8.30 -26.74
N TYR A 463 -13.54 -7.13 -26.38
CA TYR A 463 -14.04 -6.31 -25.28
C TYR A 463 -14.66 -5.06 -25.91
N GLY A 464 -15.94 -5.17 -26.26
CA GLY A 464 -16.60 -4.11 -27.00
C GLY A 464 -15.99 -3.95 -28.38
N ASP A 465 -15.44 -2.77 -28.65
CA ASP A 465 -14.80 -2.53 -29.93
C ASP A 465 -13.34 -2.95 -29.95
N GLU A 466 -12.76 -3.28 -28.80
CA GLU A 466 -11.38 -3.72 -28.68
C GLU A 466 -11.31 -5.23 -28.67
N VAL A 467 -10.15 -5.75 -29.09
CA VAL A 467 -9.84 -7.18 -29.03
C VAL A 467 -8.54 -7.34 -28.27
N HIS A 468 -8.54 -8.26 -27.30
CA HIS A 468 -7.39 -8.52 -26.44
C HIS A 468 -7.19 -10.02 -26.36
N TYR A 469 -5.93 -10.45 -26.33
CA TYR A 469 -5.63 -11.87 -26.25
C TYR A 469 -5.59 -12.30 -24.80
N MET A 470 -6.42 -13.29 -24.44
CA MET A 470 -6.57 -13.66 -23.06
C MET A 470 -6.16 -15.12 -22.84
N PRO A 471 -5.66 -15.45 -21.65
CA PRO A 471 -5.02 -16.76 -21.44
C PRO A 471 -6.00 -17.92 -21.44
N VAL A 472 -5.67 -18.95 -22.21
CA VAL A 472 -6.45 -20.18 -22.26
C VAL A 472 -5.53 -21.31 -21.78
N ARG A 473 -6.14 -22.45 -21.47
CA ARG A 473 -5.46 -23.61 -20.92
C ARG A 473 -6.49 -24.73 -20.87
N ASP A 474 -6.02 -25.95 -20.74
CA ASP A 474 -6.96 -27.05 -20.51
C ASP A 474 -7.83 -26.74 -19.31
N VAL A 475 -9.15 -26.81 -19.51
CA VAL A 475 -10.06 -26.48 -18.42
C VAL A 475 -9.90 -27.48 -17.27
N GLY A 476 -9.56 -28.73 -17.58
CA GLY A 476 -9.30 -29.70 -16.54
C GLY A 476 -8.25 -29.24 -15.55
N GLU A 477 -7.16 -28.64 -16.05
CA GLU A 477 -6.11 -28.16 -15.16
C GLU A 477 -6.57 -26.93 -14.38
N ILE A 478 -7.37 -26.06 -15.00
CA ILE A 478 -7.84 -24.86 -14.32
C ILE A 478 -8.70 -25.24 -13.13
N MET A 479 -9.77 -26.00 -13.37
CA MET A 479 -10.72 -26.32 -12.32
C MET A 479 -10.11 -27.20 -11.23
N ALA A 480 -9.10 -28.01 -11.57
CA ALA A 480 -8.43 -28.81 -10.56
C ALA A 480 -7.78 -27.93 -9.51
N LYS A 481 -7.02 -26.92 -9.95
CA LYS A 481 -6.31 -26.04 -9.04
C LYS A 481 -7.24 -25.27 -8.11
N ALA A 482 -8.44 -24.89 -8.59
CA ALA A 482 -9.41 -24.25 -7.73
C ALA A 482 -9.93 -25.21 -6.67
N SER A 483 -9.96 -26.51 -6.97
CA SER A 483 -10.39 -27.54 -6.05
C SER A 483 -9.27 -28.05 -5.16
N MET A 484 -8.01 -27.72 -5.47
CA MET A 484 -6.86 -28.14 -4.67
C MET A 484 -6.81 -29.66 -4.51
N SER A 485 -7.44 -30.36 -5.45
CA SER A 485 -7.71 -31.78 -5.29
C SER A 485 -6.42 -32.60 -5.23
N TYR A 489 -13.83 -35.03 4.05
CA TYR A 489 -12.91 -33.99 4.51
C TYR A 489 -13.49 -33.14 5.64
N ARG A 490 -12.95 -31.92 5.80
CA ARG A 490 -13.31 -31.04 6.88
C ARG A 490 -13.57 -29.64 6.33
N ASP A 491 -14.26 -28.82 7.13
CA ASP A 491 -14.56 -27.45 6.76
C ASP A 491 -14.00 -26.49 7.79
N ASP A 492 -13.87 -25.23 7.37
CA ASP A 492 -13.31 -24.16 8.17
C ASP A 492 -13.61 -22.84 7.45
N THR A 493 -13.84 -21.78 8.22
CA THR A 493 -14.09 -20.48 7.59
C THR A 493 -12.89 -19.96 6.82
N THR A 494 -11.75 -20.64 6.88
CA THR A 494 -10.66 -20.42 5.94
C THR A 494 -10.80 -21.29 4.70
N GLN A 495 -11.47 -22.45 4.82
CA GLN A 495 -11.76 -23.24 3.63
C GLN A 495 -12.84 -22.57 2.78
N GLU A 496 -13.76 -21.85 3.43
CA GLU A 496 -14.73 -21.05 2.69
C GLU A 496 -14.07 -19.84 2.04
N ALA A 497 -13.17 -19.18 2.77
CA ALA A 497 -12.48 -18.02 2.21
C ALA A 497 -11.55 -18.41 1.08
N TRP A 498 -10.99 -19.62 1.13
CA TRP A 498 -10.12 -20.12 0.08
C TRP A 498 -10.88 -20.46 -1.19
N ALA A 499 -12.18 -20.78 -1.08
CA ALA A 499 -13.00 -20.96 -2.27
C ALA A 499 -13.36 -19.62 -2.91
N ARG A 500 -13.70 -18.62 -2.08
CA ARG A 500 -14.02 -17.31 -2.62
C ARG A 500 -12.81 -16.68 -3.31
N VAL A 501 -11.62 -16.83 -2.73
CA VAL A 501 -10.41 -16.32 -3.37
C VAL A 501 -10.17 -17.01 -4.71
N GLN A 502 -10.36 -18.33 -4.77
CA GLN A 502 -10.23 -19.03 -6.05
C GLN A 502 -11.31 -18.57 -7.04
N GLY A 503 -12.49 -18.19 -6.54
CA GLY A 503 -13.54 -17.72 -7.41
C GLY A 503 -13.29 -16.34 -7.98
N PHE A 504 -12.69 -15.45 -7.20
CA PHE A 504 -12.34 -14.13 -7.74
C PHE A 504 -11.22 -14.23 -8.77
N ASN A 505 -10.23 -15.08 -8.49
CA ASN A 505 -9.16 -15.34 -9.46
C ASN A 505 -9.73 -15.87 -10.77
N MET A 506 -10.59 -16.90 -10.69
CA MET A 506 -11.19 -17.47 -11.90
C MET A 506 -11.94 -16.42 -12.70
N LEU A 507 -12.59 -15.47 -12.03
CA LEU A 507 -13.37 -14.48 -12.76
C LEU A 507 -12.50 -13.42 -13.44
N VAL A 508 -11.32 -13.14 -12.90
CA VAL A 508 -10.47 -12.10 -13.49
C VAL A 508 -9.66 -12.64 -14.65
N ASN A 509 -9.18 -13.89 -14.54
CA ASN A 509 -8.25 -14.45 -15.52
C ASN A 509 -8.91 -15.35 -16.55
N TYR A 510 -10.14 -15.83 -16.30
CA TYR A 510 -10.76 -16.79 -17.20
C TYR A 510 -12.24 -16.48 -17.44
N HIS A 511 -12.64 -15.21 -17.33
CA HIS A 511 -14.03 -14.84 -17.61
C HIS A 511 -14.39 -15.04 -19.07
N HIS A 512 -13.39 -15.11 -19.96
CA HIS A 512 -13.63 -15.33 -21.37
C HIS A 512 -13.96 -16.78 -21.68
N ILE A 513 -13.34 -17.70 -20.95
CA ILE A 513 -13.71 -19.11 -20.92
C ILE A 513 -15.10 -19.17 -20.30
N PRO A 514 -16.15 -19.53 -21.06
CA PRO A 514 -17.51 -19.51 -20.49
C PRO A 514 -17.66 -20.33 -19.22
N GLU A 515 -17.19 -21.57 -19.24
CA GLU A 515 -17.34 -22.46 -18.09
C GLU A 515 -16.66 -21.89 -16.84
N CYS A 516 -15.52 -21.22 -17.01
CA CYS A 516 -14.82 -20.67 -15.85
C CYS A 516 -15.58 -19.49 -15.23
N ARG A 517 -16.26 -18.69 -16.05
CA ARG A 517 -17.05 -17.60 -15.50
C ARG A 517 -18.26 -18.11 -14.74
N MET A 518 -18.96 -19.09 -15.30
CA MET A 518 -20.08 -19.71 -14.61
C MET A 518 -19.63 -20.30 -13.27
N LEU A 519 -18.50 -21.01 -13.27
CA LEU A 519 -17.96 -21.55 -12.03
C LEU A 519 -17.54 -20.43 -11.08
N ALA A 520 -16.87 -19.40 -11.61
CA ALA A 520 -16.46 -18.29 -10.76
C ALA A 520 -17.66 -17.60 -10.15
N LEU A 521 -18.74 -17.43 -10.91
CA LEU A 521 -19.94 -16.80 -10.40
C LEU A 521 -20.65 -17.69 -9.38
N ALA A 522 -20.67 -19.00 -9.64
CA ALA A 522 -21.28 -19.94 -8.69
C ALA A 522 -20.52 -19.96 -7.38
N ILE A 523 -19.19 -19.85 -7.45
CA ILE A 523 -18.38 -19.77 -6.23
C ILE A 523 -18.69 -18.48 -5.47
N LEU A 524 -18.82 -17.37 -6.20
CA LEU A 524 -19.07 -16.09 -5.54
C LEU A 524 -20.47 -16.01 -4.95
N SER A 525 -21.42 -16.78 -5.49
CA SER A 525 -22.77 -16.81 -4.95
C SER A 525 -22.91 -17.74 -3.75
N ALA A 526 -22.03 -18.73 -3.63
CA ALA A 526 -22.08 -19.69 -2.53
C ALA A 526 -21.03 -19.41 -1.46
N THR A 527 -20.37 -18.26 -1.52
CA THR A 527 -19.39 -17.86 -0.52
C THR A 527 -19.82 -16.54 0.12
N ARG A 528 -19.57 -16.43 1.42
CA ARG A 528 -20.13 -15.37 2.24
C ARG A 528 -19.47 -14.01 1.97
N VAL A 529 -20.23 -12.95 2.17
CA VAL A 529 -19.73 -11.59 2.04
C VAL A 529 -19.05 -11.18 3.34
N GLY A 530 -17.79 -10.78 3.25
CA GLY A 530 -17.07 -10.25 4.38
C GLY A 530 -16.06 -11.17 5.03
N LEU A 531 -15.52 -12.13 4.28
CA LEU A 531 -14.47 -12.98 4.82
C LEU A 531 -13.12 -12.26 4.74
N ASN A 532 -12.10 -12.89 5.30
CA ASN A 532 -10.75 -12.34 5.26
C ASN A 532 -10.03 -12.80 4.00
N LEU A 533 -10.64 -12.45 2.85
CA LEU A 533 -10.06 -12.81 1.56
C LEU A 533 -8.62 -12.36 1.44
N LYS A 534 -8.41 -11.04 1.57
CA LYS A 534 -7.08 -10.48 1.40
C LYS A 534 -6.11 -10.99 2.45
N GLY A 535 -6.61 -11.22 3.67
CA GLY A 535 -5.72 -11.54 4.78
C GLY A 535 -5.10 -12.93 4.66
N ILE A 536 -5.93 -13.95 4.44
CA ILE A 536 -5.46 -15.32 4.34
C ILE A 536 -5.29 -15.69 2.87
N ALA A 537 -4.39 -16.64 2.63
CA ALA A 537 -3.97 -17.08 1.29
C ALA A 537 -3.32 -15.96 0.49
N LYS A 538 -2.79 -14.94 1.16
CA LYS A 538 -2.20 -13.80 0.47
C LYS A 538 -0.76 -14.06 0.05
N GLY A 539 -0.07 -14.96 0.73
CA GLY A 539 1.37 -15.09 0.57
C GLY A 539 1.81 -15.46 -0.84
N TRP A 540 1.11 -16.39 -1.46
CA TRP A 540 1.46 -16.75 -2.84
C TRP A 540 0.84 -15.77 -3.83
N MET A 541 -0.33 -15.24 -3.52
CA MET A 541 -1.01 -14.34 -4.44
C MET A 541 -0.35 -12.97 -4.40
N MET A 542 0.07 -12.47 -5.55
CA MET A 542 0.60 -11.12 -5.68
C MET A 542 -0.38 -10.28 -6.50
N ASP A 543 -0.38 -8.97 -6.24
CA ASP A 543 -1.36 -8.03 -6.80
C ASP A 543 -2.78 -8.49 -6.46
N THR A 544 -3.08 -8.39 -5.17
CA THR A 544 -4.37 -8.79 -4.64
C THR A 544 -5.30 -7.59 -4.41
N GLU A 545 -5.01 -6.45 -5.06
CA GLU A 545 -5.77 -5.24 -4.81
C GLU A 545 -7.24 -5.42 -5.21
N TRP A 546 -7.53 -6.27 -6.20
CA TRP A 546 -8.90 -6.49 -6.61
C TRP A 546 -9.58 -7.65 -5.89
N LEU A 547 -8.89 -8.28 -4.94
CA LEU A 547 -9.54 -9.25 -4.06
C LEU A 547 -10.41 -8.49 -3.07
N ARG A 548 -11.67 -8.24 -3.44
CA ARG A 548 -12.55 -7.47 -2.57
C ARG A 548 -13.99 -7.81 -2.90
N ASP A 549 -14.86 -7.68 -1.88
CA ASP A 549 -16.26 -8.05 -2.03
C ASP A 549 -17.01 -7.14 -3.01
N ASP A 550 -16.54 -5.90 -3.21
CA ASP A 550 -17.23 -4.97 -4.09
C ASP A 550 -16.76 -5.06 -5.53
N LEU A 551 -16.07 -6.13 -5.90
CA LEU A 551 -15.64 -6.31 -7.28
C LEU A 551 -16.84 -6.31 -8.21
N GLY A 552 -16.60 -5.87 -9.44
CA GLY A 552 -17.63 -5.82 -10.45
C GLY A 552 -17.03 -5.83 -11.85
N PRO A 553 -17.88 -5.80 -12.88
CA PRO A 553 -17.36 -5.87 -14.26
C PRO A 553 -16.27 -4.85 -14.59
N ASP A 554 -16.49 -3.56 -14.28
CA ASP A 554 -15.47 -2.57 -14.62
C ASP A 554 -14.16 -2.81 -13.88
N THR A 555 -14.16 -3.61 -12.81
CA THR A 555 -12.90 -4.00 -12.19
C THR A 555 -12.06 -4.83 -13.15
N ILE A 556 -12.70 -5.74 -13.89
CA ILE A 556 -11.97 -6.50 -14.90
C ILE A 556 -11.69 -5.64 -16.12
N HIS A 557 -12.55 -4.67 -16.42
CA HIS A 557 -12.30 -3.77 -17.54
C HIS A 557 -11.06 -2.92 -17.28
N ALA A 558 -10.98 -2.28 -16.11
CA ALA A 558 -9.80 -1.50 -15.75
C ALA A 558 -8.51 -2.31 -15.84
N LEU A 559 -8.61 -3.63 -15.78
CA LEU A 559 -7.41 -4.47 -15.94
C LEU A 559 -7.15 -4.79 -17.41
N VAL A 560 -8.17 -5.25 -18.14
CA VAL A 560 -7.96 -5.69 -19.51
C VAL A 560 -7.69 -4.51 -20.44
N THR A 561 -8.62 -3.54 -20.48
CA THR A 561 -8.58 -2.46 -21.45
C THR A 561 -8.42 -1.10 -20.79
N ASP A 562 -7.79 -1.06 -19.61
CA ASP A 562 -7.54 0.18 -18.88
C ASP A 562 -8.81 1.02 -18.70
N GLY A 563 -9.96 0.34 -18.55
CA GLY A 563 -11.22 1.03 -18.30
C GLY A 563 -11.92 1.56 -19.53
N ARG A 564 -11.33 1.43 -20.72
CA ARG A 564 -11.96 1.96 -21.93
C ARG A 564 -13.25 1.23 -22.30
N THR A 565 -13.57 0.15 -21.60
CA THR A 565 -14.82 -0.58 -21.75
C THR A 565 -15.55 -0.59 -20.41
N GLN A 566 -16.78 -1.11 -20.41
CA GLN A 566 -17.54 -1.19 -19.17
C GLN A 566 -18.75 -2.09 -19.35
N GLY A 567 -19.10 -2.79 -18.29
CA GLY A 567 -20.33 -3.58 -18.23
C GLY A 567 -20.09 -5.05 -18.51
N TRP A 568 -20.89 -5.90 -17.86
CA TRP A 568 -20.88 -7.33 -18.14
C TRP A 568 -21.09 -7.58 -19.63
N SER A 569 -22.06 -6.89 -20.22
CA SER A 569 -22.36 -7.07 -21.63
C SER A 569 -21.19 -6.69 -22.56
N GLN A 570 -20.11 -6.12 -22.02
CA GLN A 570 -18.91 -5.88 -22.80
C GLN A 570 -17.74 -6.76 -22.38
N LEU A 571 -17.93 -7.65 -21.40
CA LEU A 571 -16.92 -8.62 -20.99
C LEU A 571 -17.08 -9.84 -21.90
N GLY A 572 -16.19 -9.99 -22.87
CA GLY A 572 -16.38 -10.93 -23.95
C GLY A 572 -15.95 -12.36 -23.62
N TYR A 573 -16.13 -13.23 -24.62
CA TYR A 573 -15.81 -14.64 -24.52
C TYR A 573 -14.91 -15.04 -25.68
N VAL A 574 -14.44 -16.28 -25.64
CA VAL A 574 -13.67 -16.83 -26.76
C VAL A 574 -14.63 -17.11 -27.90
N ASP A 575 -14.09 -17.39 -29.09
CA ASP A 575 -14.94 -17.79 -30.21
C ASP A 575 -15.67 -19.07 -29.88
N TYR A 576 -16.93 -19.15 -30.33
CA TYR A 576 -17.71 -20.38 -30.15
C TYR A 576 -17.08 -21.54 -30.90
N SER A 577 -16.53 -21.30 -32.08
CA SER A 577 -15.90 -22.37 -32.84
C SER A 577 -14.68 -22.95 -32.13
N SER A 578 -14.09 -22.20 -31.21
CA SER A 578 -12.95 -22.66 -30.44
C SER A 578 -13.34 -23.21 -29.08
N ARG A 579 -14.63 -23.25 -28.76
CA ARG A 579 -15.13 -23.92 -27.55
C ARG A 579 -15.05 -25.42 -27.81
N LYS A 580 -13.83 -25.95 -27.70
CA LYS A 580 -13.55 -27.37 -27.91
C LYS A 580 -12.13 -27.62 -27.42
N GLY A 581 -11.75 -28.89 -27.39
CA GLY A 581 -10.39 -29.26 -27.01
C GLY A 581 -10.00 -28.84 -25.62
N LEU A 582 -9.15 -27.80 -25.51
CA LEU A 582 -8.76 -27.29 -24.20
C LEU A 582 -9.96 -26.82 -23.40
N LEU A 583 -11.03 -26.41 -24.08
CA LEU A 583 -12.24 -25.92 -23.46
C LEU A 583 -13.36 -26.94 -23.61
N LEU A 584 -14.38 -26.81 -22.77
CA LEU A 584 -15.47 -27.77 -22.83
C LEU A 584 -16.37 -27.50 -24.03
N THR A 585 -17.05 -28.56 -24.46
CA THR A 585 -18.04 -28.36 -25.52
C THR A 585 -19.42 -28.23 -24.90
N PRO A 586 -20.29 -27.38 -25.45
CA PRO A 586 -21.65 -27.29 -24.91
C PRO A 586 -22.50 -28.49 -25.30
N ASP A 587 -22.20 -29.66 -24.73
CA ASP A 587 -22.98 -30.85 -24.98
C ASP A 587 -24.00 -31.05 -23.86
N LYS A 588 -24.66 -32.21 -23.84
CA LYS A 588 -25.76 -32.43 -22.89
C LYS A 588 -25.26 -32.39 -21.45
N GLN A 589 -24.04 -32.88 -21.20
CA GLN A 589 -23.52 -32.87 -19.85
C GLN A 589 -23.22 -31.45 -19.37
N TYR A 590 -22.72 -30.59 -20.27
CA TYR A 590 -22.45 -29.20 -19.92
C TYR A 590 -23.72 -28.44 -19.55
N LYS A 591 -24.79 -28.61 -20.34
CA LYS A 591 -26.05 -27.96 -20.01
C LYS A 591 -26.62 -28.49 -18.70
N HIS A 592 -26.61 -29.83 -18.54
CA HIS A 592 -27.05 -30.44 -17.29
C HIS A 592 -26.35 -29.82 -16.09
N TRP A 593 -25.02 -29.65 -16.19
CA TRP A 593 -24.26 -28.99 -15.13
C TRP A 593 -24.78 -27.59 -14.89
N ARG A 594 -25.03 -26.84 -15.97
CA ARG A 594 -25.54 -25.48 -15.83
C ARG A 594 -26.86 -25.45 -15.09
N ARG A 595 -27.78 -26.34 -15.44
CA ARG A 595 -29.08 -26.42 -14.76
C ARG A 595 -28.91 -26.64 -13.26
N GLY A 596 -28.08 -27.61 -12.89
CA GLY A 596 -27.89 -27.95 -11.50
C GLY A 596 -27.01 -27.02 -10.71
N LEU A 597 -26.46 -25.99 -11.34
CA LEU A 597 -25.62 -25.04 -10.61
C LEU A 597 -26.43 -24.21 -9.63
N LYS A 598 -27.71 -23.95 -9.94
CA LYS A 598 -28.55 -23.17 -9.04
C LYS A 598 -28.71 -23.88 -7.69
N ASP A 599 -29.20 -25.12 -7.71
CA ASP A 599 -29.48 -25.82 -6.45
C ASP A 599 -28.21 -26.07 -5.65
N THR A 600 -27.09 -26.35 -6.34
CA THR A 600 -25.84 -26.64 -5.63
C THR A 600 -25.36 -25.43 -4.84
N ILE A 601 -25.43 -24.23 -5.43
CA ILE A 601 -25.12 -23.01 -4.70
C ILE A 601 -25.86 -22.98 -3.37
N ASN A 602 -27.20 -23.05 -3.43
CA ASN A 602 -28.03 -23.04 -2.23
C ASN A 602 -27.61 -24.12 -1.24
N SER A 603 -27.51 -25.37 -1.69
CA SER A 603 -27.13 -26.48 -0.82
C SER A 603 -25.87 -26.18 -0.01
N LEU A 604 -25.08 -25.21 -0.46
CA LEU A 604 -23.87 -24.77 0.23
C LEU A 604 -24.08 -23.56 1.13
N ARG A 605 -25.25 -22.92 1.06
CA ARG A 605 -25.44 -21.63 1.73
C ARG A 605 -25.72 -21.79 3.21
N VAL A 606 -24.91 -21.11 4.03
CA VAL A 606 -25.09 -21.13 5.47
C VAL A 606 -26.32 -20.31 5.85
N GLU A 607 -27.06 -20.79 6.85
CA GLU A 607 -28.23 -20.08 7.31
C GLU A 607 -27.86 -18.69 7.83
N GLY A 608 -28.60 -17.69 7.37
CA GLY A 608 -28.46 -16.35 7.93
C GLY A 608 -27.12 -15.71 7.67
N GLY A 609 -26.51 -16.03 6.53
CA GLY A 609 -25.27 -15.40 6.11
C GLY A 609 -25.54 -14.39 5.03
N ASN A 610 -24.75 -13.31 5.03
CA ASN A 610 -24.89 -12.27 4.01
C ASN A 610 -24.25 -12.78 2.74
N TYR A 611 -25.08 -13.30 1.84
CA TYR A 611 -24.59 -13.89 0.60
C TYR A 611 -24.79 -12.89 -0.53
N LYS A 612 -23.72 -12.59 -1.26
CA LYS A 612 -23.81 -11.70 -2.40
C LYS A 612 -24.91 -12.18 -3.33
N ASP A 613 -25.78 -11.27 -3.74
CA ASP A 613 -26.90 -11.66 -4.59
C ASP A 613 -26.36 -12.46 -5.77
N TRP A 614 -27.18 -13.41 -6.26
CA TRP A 614 -26.71 -14.32 -7.29
C TRP A 614 -25.84 -13.57 -8.29
N MET A 615 -24.52 -13.72 -8.14
CA MET A 615 -23.61 -13.21 -9.15
C MET A 615 -23.83 -13.91 -10.48
N ASN A 616 -24.64 -14.98 -10.49
CA ASN A 616 -25.06 -15.70 -11.68
C ASN A 616 -26.16 -15.01 -12.46
N LYS A 617 -26.88 -14.04 -11.86
CA LYS A 617 -27.82 -13.28 -12.69
C LYS A 617 -27.09 -12.41 -13.70
N MET A 618 -25.76 -12.37 -13.62
CA MET A 618 -24.93 -11.57 -14.50
C MET A 618 -24.49 -12.33 -15.75
N ALA A 619 -25.04 -13.54 -15.99
CA ALA A 619 -24.89 -14.27 -17.24
C ALA A 619 -26.26 -14.66 -17.77
N VAL A 620 -26.33 -14.95 -19.07
CA VAL A 620 -27.62 -15.26 -19.69
C VAL A 620 -27.99 -16.70 -19.40
N PHE A 621 -29.23 -16.91 -18.99
CA PHE A 621 -29.71 -18.23 -18.59
C PHE A 621 -30.16 -19.04 -19.80
N ARG B 11 5.64 51.95 18.10
CA ARG B 11 4.62 52.33 19.07
C ARG B 11 4.72 51.47 20.34
N VAL B 12 3.79 50.52 20.46
CA VAL B 12 3.70 49.69 21.65
C VAL B 12 4.84 48.68 21.65
N GLU B 13 5.44 48.46 22.83
CA GLU B 13 6.54 47.52 22.93
C GLU B 13 6.18 46.36 23.86
N PRO B 14 6.37 45.12 23.42
CA PRO B 14 5.83 43.97 24.16
C PRO B 14 6.53 43.73 25.50
N GLN B 15 5.73 43.31 26.48
CA GLN B 15 6.19 42.95 27.81
C GLN B 15 5.23 41.90 28.36
N TRP B 16 5.76 40.78 28.88
CA TRP B 16 4.88 39.70 29.31
C TRP B 16 5.44 39.00 30.55
N THR B 17 4.52 38.38 31.29
CA THR B 17 4.83 37.66 32.52
C THR B 17 5.80 36.52 32.27
N GLU B 18 6.67 36.27 33.24
CA GLU B 18 7.68 35.23 33.11
C GLU B 18 7.03 33.85 33.12
N GLU B 19 7.58 32.96 32.30
CA GLU B 19 7.04 31.61 32.20
C GLU B 19 7.18 30.88 33.54
N ALA B 20 6.08 30.31 34.01
CA ALA B 20 6.13 29.51 35.23
C ALA B 20 6.84 28.20 34.95
N ARG B 21 7.62 27.76 35.94
CA ARG B 21 8.31 26.48 35.87
C ARG B 21 7.46 25.41 36.56
N ILE B 22 7.52 24.20 36.03
CA ILE B 22 6.66 23.10 36.47
C ILE B 22 7.54 22.01 37.09
N GLU B 23 7.17 21.56 38.28
CA GLU B 23 7.96 20.57 39.00
C GLU B 23 7.95 19.24 38.25
N GLY B 24 9.13 18.64 38.10
CA GLY B 24 9.25 17.40 37.37
C GLY B 24 9.24 17.53 35.87
N CYS B 25 9.53 18.72 35.34
CA CYS B 25 9.50 18.96 33.90
C CYS B 25 10.75 19.70 33.47
N LYS B 26 11.17 19.44 32.23
CA LYS B 26 12.34 20.10 31.67
C LYS B 26 11.91 21.36 30.94
N PRO B 27 12.38 22.55 31.33
CA PRO B 27 11.96 23.77 30.64
C PRO B 27 12.44 23.82 29.21
N LEU B 28 11.56 24.29 28.32
CA LEU B 28 11.90 24.41 26.90
C LEU B 28 12.61 25.74 26.68
N THR B 29 13.90 25.75 27.03
CA THR B 29 14.70 26.96 26.87
C THR B 29 14.90 27.27 25.39
N PRO B 30 14.85 28.54 25.01
CA PRO B 30 15.02 28.89 23.59
C PRO B 30 16.41 28.57 23.07
N LEU B 31 16.48 28.31 21.78
CA LEU B 31 17.73 28.00 21.09
C LEU B 31 18.26 29.24 20.41
N ASN B 32 19.55 29.20 20.05
CA ASN B 32 20.16 30.34 19.37
C ASN B 32 19.63 30.42 17.94
N MET B 33 18.80 31.42 17.67
CA MET B 33 18.15 31.57 16.37
C MET B 33 18.85 32.58 15.48
N THR B 34 20.08 33.00 15.82
CA THR B 34 20.79 33.97 14.99
C THR B 34 21.10 33.43 13.61
N ARG B 35 21.21 32.11 13.48
CA ARG B 35 21.50 31.51 12.18
C ARG B 35 20.30 31.61 11.24
N SER B 36 19.09 31.43 11.77
CA SER B 36 17.91 31.39 10.91
C SER B 36 17.50 32.79 10.45
N VAL B 37 17.67 33.81 11.30
CA VAL B 37 17.31 35.16 10.90
C VAL B 37 18.22 35.68 9.80
N LYS B 38 19.39 35.07 9.62
CA LYS B 38 20.27 35.46 8.52
C LYS B 38 19.60 35.23 7.17
N GLU B 39 18.81 34.17 7.07
CA GLU B 39 18.25 33.70 5.81
C GLU B 39 17.09 34.55 5.30
N MET B 40 16.64 35.53 6.10
CA MET B 40 15.49 36.36 5.73
C MET B 40 15.89 37.70 5.14
N LYS B 41 16.98 38.31 5.64
CA LYS B 41 17.47 39.58 5.11
C LYS B 41 16.46 40.72 5.21
N MET B 42 16.20 41.23 6.42
CA MET B 42 15.41 42.45 6.53
C MET B 42 16.28 43.66 6.21
N ASP B 43 15.75 44.59 5.41
CA ASP B 43 16.54 45.74 4.98
C ASP B 43 16.36 46.95 5.89
N ARG B 44 15.76 46.79 7.07
CA ARG B 44 15.53 47.90 7.99
C ARG B 44 15.54 47.39 9.43
N ALA B 45 15.04 48.24 10.33
CA ALA B 45 14.97 48.00 11.77
C ALA B 45 13.51 47.90 12.20
N PRO B 46 13.21 47.45 13.43
CA PRO B 46 11.81 47.23 13.82
C PRO B 46 10.99 48.51 13.75
N LEU B 47 9.67 48.32 13.62
CA LEU B 47 8.71 49.40 13.78
C LEU B 47 7.84 49.24 15.02
N GLY B 48 7.76 48.03 15.58
CA GLY B 48 7.16 47.78 16.87
C GLY B 48 5.70 48.14 17.01
N ILE B 49 4.87 47.68 16.07
CA ILE B 49 3.45 47.99 16.08
C ILE B 49 2.62 46.83 16.62
N THR B 50 3.28 45.80 17.16
CA THR B 50 2.59 44.60 17.63
C THR B 50 2.50 44.58 19.15
N ARG B 51 1.51 43.84 19.66
CA ARG B 51 1.20 43.82 21.08
C ARG B 51 1.88 42.69 21.83
N PHE B 52 1.75 41.45 21.33
CA PHE B 52 2.42 40.29 21.92
C PHE B 52 3.76 40.03 21.24
N PHE B 53 3.76 39.99 19.91
CA PHE B 53 4.95 39.65 19.15
C PHE B 53 5.90 40.84 19.08
N LYS B 54 7.13 40.63 19.52
CA LYS B 54 8.18 41.64 19.38
C LYS B 54 8.73 41.60 17.96
N GLU B 55 8.87 42.77 17.35
CA GLU B 55 9.34 42.87 15.97
C GLU B 55 10.86 42.86 15.94
N VAL B 56 11.41 42.43 14.80
CA VAL B 56 12.85 42.46 14.57
C VAL B 56 13.25 43.29 13.37
N GLY B 57 12.38 43.50 12.39
CA GLY B 57 12.72 44.34 11.25
C GLY B 57 11.69 44.17 10.15
N TYR B 58 11.81 45.03 9.14
CA TYR B 58 10.92 44.94 7.97
C TYR B 58 11.70 45.11 6.68
N ARG B 59 11.34 44.31 5.69
CA ARG B 59 11.89 44.41 4.34
C ARG B 59 11.00 45.34 3.52
N VAL B 60 11.09 45.28 2.20
CA VAL B 60 10.25 46.10 1.32
C VAL B 60 9.84 45.29 0.10
N ALA B 61 8.54 45.00 -0.02
CA ALA B 61 7.92 44.50 -1.25
C ALA B 61 8.66 43.30 -1.82
N VAL B 62 9.18 42.43 -0.94
CA VAL B 62 9.89 41.24 -1.40
C VAL B 62 8.92 40.25 -2.03
N LYS B 63 7.75 40.06 -1.42
CA LYS B 63 6.78 39.08 -1.91
C LYS B 63 5.36 39.61 -1.73
N LYS B 64 4.44 38.96 -2.44
CA LYS B 64 3.01 39.15 -2.30
C LYS B 64 2.36 37.78 -2.21
N GLY B 65 1.06 37.76 -1.92
CA GLY B 65 0.37 36.49 -1.73
C GLY B 65 -0.78 36.23 -2.68
N SER B 66 -0.59 35.31 -3.61
CA SER B 66 -1.59 35.01 -4.64
C SER B 66 -1.70 33.50 -4.82
N GLU B 67 -2.79 33.08 -5.45
CA GLU B 67 -3.03 31.65 -5.68
C GLU B 67 -3.68 31.40 -7.04
N THR B 69 -7.70 30.49 -7.11
CA THR B 69 -8.94 29.83 -6.71
C THR B 69 -10.08 30.18 -7.66
N ARG B 70 -10.53 29.19 -8.43
CA ARG B 70 -11.60 29.38 -9.40
C ARG B 70 -12.71 28.37 -9.17
N LYS B 71 -13.92 28.73 -9.60
CA LYS B 71 -15.03 27.80 -9.57
C LYS B 71 -14.85 26.70 -10.62
N ASN B 72 -15.09 25.45 -10.21
CA ASN B 72 -14.97 24.32 -11.12
C ASN B 72 -16.07 24.39 -12.18
N ARG B 73 -15.66 24.32 -13.45
CA ARG B 73 -16.62 24.40 -14.54
C ARG B 73 -17.64 23.26 -14.47
N PHE B 74 -17.18 22.06 -14.11
CA PHE B 74 -18.06 20.89 -14.10
C PHE B 74 -19.06 20.97 -12.95
N VAL B 75 -18.57 21.21 -11.74
CA VAL B 75 -19.47 21.28 -10.59
C VAL B 75 -20.28 22.58 -10.65
N GLY B 76 -19.63 23.68 -11.01
CA GLY B 76 -20.32 24.97 -11.02
C GLY B 76 -21.49 25.01 -11.98
N ALA B 77 -21.40 24.27 -13.08
CA ALA B 77 -22.50 24.25 -14.03
C ALA B 77 -23.64 23.38 -13.53
N LEU B 78 -23.34 22.32 -12.77
CA LEU B 78 -24.40 21.44 -12.29
C LEU B 78 -25.23 22.08 -11.20
N ILE B 79 -24.63 22.96 -10.39
CA ILE B 79 -25.32 23.58 -9.27
C ILE B 79 -25.78 25.00 -9.59
N GLU B 80 -25.62 25.45 -10.83
CA GLU B 80 -26.10 26.78 -11.18
C GLU B 80 -27.60 26.95 -11.03
N PRO B 81 -28.45 26.04 -11.53
CA PRO B 81 -29.90 26.18 -11.27
C PRO B 81 -30.23 26.28 -9.80
N LEU B 82 -29.34 25.85 -8.92
CA LEU B 82 -29.59 25.84 -7.48
C LEU B 82 -29.13 27.10 -6.77
N LYS B 83 -28.46 28.01 -7.46
CA LYS B 83 -27.82 29.15 -6.80
C LYS B 83 -28.83 30.06 -6.11
N ARG B 84 -30.09 30.06 -6.53
CA ARG B 84 -31.07 30.93 -5.89
C ARG B 84 -31.41 30.44 -4.48
N VAL B 85 -31.73 29.15 -4.35
CA VAL B 85 -32.14 28.62 -3.06
C VAL B 85 -30.94 28.51 -2.10
N LEU B 86 -29.76 28.20 -2.63
CA LEU B 86 -28.59 28.04 -1.79
C LEU B 86 -28.20 29.35 -1.12
N GLU B 87 -28.34 30.47 -1.83
CA GLU B 87 -27.97 31.76 -1.26
C GLU B 87 -29.04 32.30 -0.31
N ARG B 88 -30.31 32.01 -0.58
CA ARG B 88 -31.39 32.59 0.20
C ARG B 88 -31.53 31.95 1.56
N SER B 89 -31.26 30.64 1.65
CA SER B 89 -31.55 29.90 2.87
C SER B 89 -30.38 29.10 3.44
N HIS B 90 -29.21 29.14 2.80
CA HIS B 90 -28.09 28.32 3.25
C HIS B 90 -26.79 29.09 3.13
N VAL B 91 -25.75 28.53 3.73
CA VAL B 91 -24.42 29.16 3.77
C VAL B 91 -23.72 28.86 2.45
N PHE B 92 -24.16 29.52 1.38
CA PHE B 92 -23.55 29.41 0.06
C PHE B 92 -23.10 30.78 -0.43
N GLY B 93 -21.94 30.82 -1.09
CA GLY B 93 -21.36 32.07 -1.52
C GLY B 93 -20.61 32.83 -0.46
N ALA B 94 -20.36 32.22 0.70
CA ALA B 94 -19.64 32.88 1.79
C ALA B 94 -18.14 32.65 1.71
N TRP B 95 -17.64 32.25 0.54
CA TRP B 95 -16.21 32.05 0.32
C TRP B 95 -15.71 32.92 -0.83
N GLN B 96 -16.30 34.09 -1.00
CA GLN B 96 -15.88 35.04 -2.04
C GLN B 96 -14.85 35.96 -1.42
N LEU B 97 -13.57 35.60 -1.61
CA LEU B 97 -12.46 36.34 -1.00
C LEU B 97 -11.32 36.32 -2.01
N THR B 98 -11.08 37.46 -2.67
CA THR B 98 -9.93 37.59 -3.56
C THR B 98 -8.64 37.40 -2.77
N SER B 99 -7.52 37.33 -3.50
CA SER B 99 -6.22 37.20 -2.87
C SER B 99 -6.03 38.34 -1.87
N THR B 100 -5.87 37.97 -0.60
CA THR B 100 -5.98 38.92 0.49
C THR B 100 -4.84 39.94 0.45
N THR B 101 -5.20 41.22 0.48
CA THR B 101 -4.21 42.29 0.46
C THR B 101 -3.39 42.27 1.74
N PRO B 102 -2.09 42.63 1.66
CA PRO B 102 -1.22 42.52 2.83
C PRO B 102 -1.65 43.38 4.02
N ARG B 103 -2.47 44.41 3.82
CA ARG B 103 -3.02 45.13 4.97
C ARG B 103 -3.93 44.22 5.77
N ALA B 104 -4.81 43.50 5.08
CA ALA B 104 -5.76 42.62 5.76
C ALA B 104 -5.04 41.47 6.47
N VAL B 105 -3.97 40.95 5.86
CA VAL B 105 -3.25 39.85 6.51
C VAL B 105 -2.56 40.31 7.78
N PHE B 106 -2.31 41.61 7.91
CA PHE B 106 -1.74 42.13 9.16
C PHE B 106 -2.83 42.35 10.21
N ASN B 107 -3.91 43.04 9.83
CA ASN B 107 -5.02 43.25 10.78
C ASN B 107 -5.61 41.93 11.23
N ILE B 108 -5.65 40.92 10.36
CA ILE B 108 -6.08 39.59 10.79
C ILE B 108 -5.04 38.99 11.73
N PHE B 109 -3.76 39.11 11.39
CA PHE B 109 -2.72 38.57 12.26
C PHE B 109 -2.69 39.30 13.60
N ARG B 110 -3.04 40.59 13.63
CA ARG B 110 -3.04 41.31 14.89
C ARG B 110 -4.29 41.05 15.71
N SER B 111 -5.40 40.68 15.08
CA SER B 111 -6.65 40.46 15.79
C SER B 111 -6.98 38.98 15.98
N LYS B 112 -6.09 38.09 15.60
CA LYS B 112 -6.29 36.66 15.83
C LYS B 112 -5.10 36.00 16.52
N VAL B 113 -3.87 36.37 16.17
CA VAL B 113 -2.69 35.73 16.69
C VAL B 113 -1.93 36.62 17.67
N ASP B 114 -2.06 37.94 17.57
CA ASP B 114 -1.34 38.88 18.44
C ASP B 114 -2.00 38.94 19.82
N LYS B 115 -2.03 37.78 20.48
CA LYS B 115 -2.61 37.64 21.81
C LYS B 115 -1.66 36.83 22.67
N ALA B 116 -1.48 37.25 23.93
CA ALA B 116 -0.57 36.57 24.83
C ALA B 116 -1.27 35.42 25.53
N PRO B 117 -0.80 34.18 25.39
CA PRO B 117 -1.41 33.07 26.13
C PRO B 117 -1.22 33.22 27.63
N ARG B 118 -2.09 32.54 28.37
CA ARG B 118 -2.05 32.57 29.84
C ARG B 118 -1.11 31.47 30.31
N GLU B 119 0.14 31.84 30.54
CA GLU B 119 1.19 30.88 30.90
C GLU B 119 1.42 30.79 32.40
N LEU B 120 0.62 31.49 33.21
CA LEU B 120 0.77 31.49 34.66
C LEU B 120 -0.54 31.03 35.29
N HIS B 121 -0.56 29.77 35.73
CA HIS B 121 -1.71 29.23 36.46
C HIS B 121 -1.25 28.00 37.21
N ASP B 122 -1.95 27.69 38.30
CA ASP B 122 -1.57 26.62 39.23
C ASP B 122 -2.21 25.28 38.89
N HIS B 123 -2.56 25.03 37.63
CA HIS B 123 -3.17 23.78 37.22
C HIS B 123 -2.19 22.80 36.60
N TYR B 124 -0.91 23.17 36.51
CA TYR B 124 0.11 22.30 35.94
C TYR B 124 0.37 21.04 36.77
N PRO B 125 0.40 21.12 38.11
CA PRO B 125 0.61 19.87 38.88
C PRO B 125 -0.43 18.80 38.58
N GLY B 126 -1.72 19.15 38.57
CA GLY B 126 -2.73 18.16 38.23
C GLY B 126 -2.66 17.75 36.77
N LEU B 127 -2.33 18.69 35.88
CA LEU B 127 -2.24 18.38 34.46
C LEU B 127 -1.06 17.47 34.16
N LYS B 128 0.02 17.58 34.94
CA LYS B 128 1.18 16.72 34.71
C LYS B 128 0.86 15.26 34.96
N ARG B 129 0.16 14.96 36.05
CA ARG B 129 -0.16 13.58 36.36
C ARG B 129 -1.11 12.98 35.32
N PHE B 130 -2.04 13.78 34.79
CA PHE B 130 -2.91 13.28 33.74
C PHE B 130 -2.14 13.00 32.46
N TYR B 131 -1.14 13.84 32.16
CA TYR B 131 -0.27 13.55 31.02
C TYR B 131 0.53 12.27 31.27
N GLU B 132 0.91 12.03 32.52
CA GLU B 132 1.70 10.85 32.83
C GLU B 132 0.84 9.59 32.82
N ILE B 133 -0.36 9.66 33.40
CA ILE B 133 -1.23 8.50 33.44
C ILE B 133 -1.59 8.05 32.03
N LEU B 134 -1.81 9.00 31.12
CA LEU B 134 -2.03 8.65 29.72
C LEU B 134 -0.75 8.10 29.09
N ALA B 135 0.42 8.60 29.50
CA ALA B 135 1.67 8.07 28.98
C ALA B 135 1.91 6.64 29.46
N ASP B 136 1.42 6.30 30.66
CA ASP B 136 1.65 4.96 31.20
C ASP B 136 0.76 3.94 30.51
N LEU B 137 -0.51 4.28 30.30
CA LEU B 137 -1.41 3.38 29.58
C LEU B 137 -0.94 3.16 28.15
N TRP B 138 -0.43 4.22 27.51
CA TRP B 138 0.03 4.13 26.13
C TRP B 138 1.15 3.09 25.98
N LEU B 139 2.10 3.09 26.92
CA LEU B 139 3.24 2.19 26.79
C LEU B 139 2.84 0.72 26.97
N LYS B 140 1.82 0.45 27.78
CA LYS B 140 1.42 -0.93 28.01
C LYS B 140 0.73 -1.52 26.79
N ARG B 141 -0.10 -0.73 26.10
CA ARG B 141 -1.01 -1.30 25.11
C ARG B 141 -0.64 -0.99 23.67
N VAL B 142 0.24 -0.02 23.42
CA VAL B 142 0.74 0.29 22.08
C VAL B 142 2.25 0.12 22.00
N GLY B 143 2.98 0.72 22.92
CA GLY B 143 4.43 0.66 22.95
C GLY B 143 5.04 2.04 22.82
N ARG B 144 6.36 2.05 22.62
CA ARG B 144 7.08 3.31 22.52
C ARG B 144 6.87 3.94 21.14
N LEU B 145 7.08 5.25 21.07
CA LEU B 145 6.91 5.98 19.82
C LEU B 145 8.06 5.64 18.87
N ARG B 146 7.76 4.90 17.80
CA ARG B 146 8.75 4.55 16.80
C ARG B 146 8.80 5.64 15.74
N ARG B 147 10.01 6.03 15.37
CA ARG B 147 10.20 7.02 14.32
C ARG B 147 9.60 6.54 13.01
N LEU B 148 9.24 7.49 12.15
CA LEU B 148 8.65 7.16 10.86
C LEU B 148 9.75 6.92 9.83
N SER B 149 9.64 5.82 9.10
CA SER B 149 10.60 5.50 8.07
C SER B 149 10.29 6.27 6.80
N GLU B 150 11.18 6.13 5.82
CA GLU B 150 11.08 6.94 4.60
C GLU B 150 9.78 6.66 3.85
N GLU B 151 9.27 5.43 3.92
CA GLU B 151 8.03 5.11 3.21
C GLU B 151 6.82 5.76 3.88
N GLU B 152 6.84 5.88 5.21
CA GLU B 152 5.70 6.42 5.93
C GLU B 152 5.57 7.93 5.70
N MET B 153 6.69 8.61 5.49
CA MET B 153 6.66 10.04 5.19
C MET B 153 5.99 10.30 3.85
N ALA B 154 6.40 9.55 2.82
CA ALA B 154 5.91 9.79 1.47
C ALA B 154 4.40 9.63 1.37
N ALA B 155 3.82 8.72 2.15
CA ALA B 155 2.38 8.51 2.11
C ALA B 155 1.61 9.67 2.75
N ALA B 156 2.28 10.51 3.54
CA ALA B 156 1.62 11.57 4.29
C ALA B 156 1.98 12.97 3.83
N ILE B 157 3.06 13.13 3.04
CA ILE B 157 3.50 14.46 2.65
C ILE B 157 2.53 15.06 1.64
N ASN B 158 2.33 16.37 1.73
CA ASN B 158 1.53 17.11 0.76
C ASN B 158 2.40 17.39 -0.46
N ARG B 159 2.14 16.67 -1.56
CA ARG B 159 2.99 16.78 -2.74
C ARG B 159 2.92 18.17 -3.35
N ARG B 160 1.78 18.84 -3.26
CA ARG B 160 1.62 20.20 -3.77
C ARG B 160 1.81 21.19 -2.63
N GLY B 161 3.08 21.41 -2.28
CA GLY B 161 3.42 22.38 -1.25
C GLY B 161 4.61 23.25 -1.60
N THR B 162 4.54 24.53 -1.27
CA THR B 162 5.68 25.42 -1.45
C THR B 162 6.71 25.15 -0.37
N MET B 163 7.99 25.19 -0.76
CA MET B 163 9.08 24.92 0.16
C MET B 163 9.51 26.15 0.95
N GLY B 164 8.93 27.31 0.68
CA GLY B 164 9.27 28.53 1.38
C GLY B 164 10.27 29.38 0.62
N TYR B 165 10.30 30.67 0.97
CA TYR B 165 11.29 31.57 0.39
C TYR B 165 12.70 31.09 0.71
N GLN B 166 12.89 30.50 1.88
CA GLN B 166 14.22 30.06 2.32
C GLN B 166 14.81 29.03 1.37
N MET B 167 13.97 28.21 0.73
CA MET B 167 14.44 27.26 -0.28
C MET B 167 13.79 27.53 -1.64
N GLU B 168 13.31 28.76 -1.85
CA GLU B 168 12.87 29.16 -3.18
C GLU B 168 14.05 29.20 -4.15
N ASN B 169 15.27 29.43 -3.66
CA ASN B 169 16.44 29.57 -4.52
C ASN B 169 17.05 28.23 -4.92
N ARG B 170 16.79 27.18 -4.17
CA ARG B 170 17.39 25.87 -4.36
C ARG B 170 16.96 25.16 -5.65
N GLY B 171 15.71 25.37 -6.09
CA GLY B 171 15.31 24.73 -7.33
C GLY B 171 13.83 24.42 -7.51
N TYR B 172 13.53 23.21 -7.99
CA TYR B 172 12.16 22.85 -8.35
C TYR B 172 11.27 22.83 -7.11
N THR B 173 10.06 23.35 -7.27
CA THR B 173 9.11 23.40 -6.16
C THR B 173 7.69 23.05 -6.62
N LEU B 175 7.03 20.54 -3.31
CA LEU B 175 7.56 19.57 -2.36
C LEU B 175 7.74 18.20 -3.02
N GLY B 176 6.69 17.74 -3.71
CA GLY B 176 6.77 16.45 -4.40
C GLY B 176 7.92 16.38 -5.38
N SER B 177 8.16 17.49 -6.10
CA SER B 177 9.29 17.54 -7.03
C SER B 177 10.61 17.25 -6.34
N TYR B 178 10.84 17.87 -5.18
CA TYR B 178 12.07 17.64 -4.44
C TYR B 178 12.03 16.41 -3.54
N TRP B 179 10.89 15.71 -3.46
CA TRP B 179 10.92 14.38 -2.86
C TRP B 179 11.47 13.34 -3.82
N ASP B 180 11.31 13.57 -5.13
CA ASP B 180 11.84 12.67 -6.13
C ASP B 180 13.28 12.98 -6.52
N SER B 181 13.69 14.25 -6.37
CA SER B 181 15.08 14.59 -6.66
C SER B 181 16.04 13.87 -5.72
N GLY B 182 15.62 13.66 -4.47
CA GLY B 182 16.47 13.02 -3.49
C GLY B 182 17.28 13.95 -2.64
N GLU B 183 17.18 15.27 -2.86
CA GLU B 183 17.91 16.23 -2.05
C GLU B 183 17.34 16.38 -0.65
N TRP B 184 16.18 15.79 -0.37
CA TRP B 184 15.60 15.93 0.96
C TRP B 184 16.35 15.13 2.02
N ARG B 185 17.18 14.16 1.62
CA ARG B 185 17.70 13.19 2.58
C ARG B 185 18.66 13.83 3.58
N GLN B 186 19.67 14.57 3.10
CA GLN B 186 20.64 15.17 4.02
C GLN B 186 20.14 16.47 4.62
N ASP B 187 19.19 17.14 3.97
CA ASP B 187 18.42 18.20 4.61
C ASP B 187 17.96 17.85 6.01
N VAL B 188 17.18 16.78 6.11
CA VAL B 188 16.70 16.36 7.41
C VAL B 188 17.88 16.00 8.31
N ASN B 189 18.92 15.40 7.73
CA ASN B 189 20.06 14.95 8.54
C ASN B 189 20.91 16.12 9.01
N THR B 190 21.09 17.14 8.16
CA THR B 190 21.80 18.33 8.61
C THR B 190 21.01 19.09 9.67
N PHE B 191 19.70 18.89 9.75
CA PHE B 191 18.90 19.60 10.73
C PHE B 191 18.98 18.98 12.11
N LYS B 192 19.20 17.67 12.20
CA LYS B 192 19.43 17.05 13.50
C LYS B 192 20.65 17.68 14.18
N GLN B 193 21.73 17.86 13.42
CA GLN B 193 22.93 18.51 13.95
C GLN B 193 22.65 19.94 14.36
N SER B 194 21.85 20.67 13.58
CA SER B 194 21.61 22.08 13.87
C SER B 194 20.76 22.26 15.12
N LEU B 195 19.74 21.42 15.31
CA LEU B 195 18.78 21.66 16.38
C LEU B 195 19.36 21.31 17.75
N LEU B 196 19.87 20.09 17.91
CA LEU B 196 20.39 19.69 19.23
C LEU B 196 21.57 20.57 19.63
N ALA B 197 22.43 20.95 18.66
CA ALA B 197 23.53 21.85 18.98
C ALA B 197 23.01 23.22 19.40
N GLY B 198 21.88 23.64 18.85
CA GLY B 198 21.27 24.90 19.23
C GLY B 198 21.43 26.02 18.24
N THR B 199 21.84 25.73 17.00
CA THR B 199 21.98 26.75 15.95
C THR B 199 21.18 26.34 14.72
N PRO B 200 19.87 26.19 14.86
CA PRO B 200 19.05 25.63 13.78
C PRO B 200 18.92 26.59 12.59
N THR B 201 18.88 25.99 11.40
CA THR B 201 18.74 26.73 10.16
C THR B 201 17.35 26.50 9.58
N HIS B 202 16.87 27.48 8.81
CA HIS B 202 15.55 27.43 8.18
C HIS B 202 14.46 27.14 9.22
N ALA B 203 14.50 27.89 10.33
CA ALA B 203 13.59 27.67 11.44
C ALA B 203 12.64 28.83 11.66
N VAL B 204 12.46 29.68 10.66
CA VAL B 204 11.50 30.78 10.72
C VAL B 204 10.27 30.37 9.94
N TYR B 205 9.11 30.41 10.59
CA TYR B 205 7.87 30.00 9.95
C TYR B 205 7.45 31.00 8.89
N ASN B 206 6.97 30.50 7.76
CA ASN B 206 6.38 31.34 6.74
C ASN B 206 4.88 31.49 6.95
N THR B 207 4.33 32.58 6.43
CA THR B 207 2.93 32.94 6.64
C THR B 207 2.21 32.97 5.30
N THR B 208 1.02 32.38 5.24
CA THR B 208 0.15 32.44 4.08
C THR B 208 -1.27 32.74 4.55
N ALA B 209 -2.05 33.36 3.68
CA ALA B 209 -3.39 33.81 4.02
C ALA B 209 -4.36 33.39 2.93
N LYS B 210 -5.48 32.79 3.33
CA LYS B 210 -6.50 32.38 2.38
C LYS B 210 -7.84 32.13 3.07
N ILE B 227 -4.84 32.42 9.44
CA ILE B 227 -3.44 32.58 9.03
C ILE B 227 -2.70 31.26 9.22
N ILE B 228 -2.36 30.61 8.12
CA ILE B 228 -1.58 29.38 8.16
C ILE B 228 -0.11 29.72 8.28
N GLN B 229 0.57 29.06 9.22
CA GLN B 229 1.99 29.27 9.50
C GLN B 229 2.74 28.00 9.13
N TYR B 230 3.54 28.07 8.06
CA TYR B 230 4.23 26.90 7.54
C TYR B 230 5.74 27.09 7.56
N LEU B 231 6.45 25.97 7.64
CA LEU B 231 7.91 25.94 7.72
C LEU B 231 8.47 25.51 6.37
N PRO B 232 9.78 25.48 6.17
CA PRO B 232 10.33 24.92 4.93
C PRO B 232 10.07 23.42 4.82
N ALA B 233 10.37 22.88 3.64
CA ALA B 233 9.95 21.52 3.31
C ALA B 233 10.64 20.47 4.18
N ASP B 234 11.95 20.56 4.35
CA ASP B 234 12.61 19.75 5.35
C ASP B 234 12.23 20.26 6.74
N ALA B 235 12.67 19.53 7.77
CA ALA B 235 12.27 19.77 9.16
C ALA B 235 10.81 19.40 9.37
N ARG B 236 9.90 19.83 8.49
CA ARG B 236 8.61 19.16 8.37
C ARG B 236 8.84 17.66 8.29
N LEU B 237 9.83 17.26 7.49
CA LEU B 237 10.23 15.87 7.38
C LEU B 237 10.87 15.39 8.67
N TYR B 238 11.56 16.29 9.38
CA TYR B 238 12.06 15.94 10.71
C TYR B 238 10.92 15.76 11.70
N GLU B 239 9.98 16.71 11.73
CA GLU B 239 8.83 16.56 12.62
C GLU B 239 8.05 15.29 12.29
N LEU B 240 7.83 15.02 11.01
CA LEU B 240 7.09 13.83 10.62
C LEU B 240 7.87 12.56 10.96
N ARG B 241 9.20 12.63 10.93
CA ARG B 241 10.00 11.45 11.23
C ARG B 241 9.97 11.11 12.72
N VAL B 242 9.89 12.11 13.58
CA VAL B 242 9.97 11.91 15.02
C VAL B 242 8.60 11.90 15.68
N LEU B 243 7.67 12.74 15.22
CA LEU B 243 6.38 12.89 15.89
C LEU B 243 5.21 12.45 15.01
N GLY B 244 5.46 11.60 14.01
CA GLY B 244 4.39 11.10 13.18
C GLY B 244 3.78 9.83 13.74
N GLY B 245 4.50 9.21 14.67
CA GLY B 245 4.03 7.97 15.29
C GLY B 245 2.95 8.15 16.33
N LEU B 246 2.63 9.40 16.69
CA LEU B 246 1.51 9.66 17.57
C LEU B 246 0.19 9.17 16.99
N HIS B 247 0.15 8.95 15.68
CA HIS B 247 -1.07 8.48 15.02
C HIS B 247 -1.56 7.15 15.58
N LYS B 248 -0.66 6.34 16.13
CA LYS B 248 -1.02 4.97 16.50
C LYS B 248 -1.92 4.93 17.72
N PHE B 249 -1.62 5.72 18.76
CA PHE B 249 -2.43 5.68 19.98
C PHE B 249 -3.82 6.23 19.74
N LEU B 250 -3.91 7.32 18.98
CA LEU B 250 -5.21 7.91 18.67
C LEU B 250 -6.10 6.92 17.95
N GLU B 251 -5.55 6.17 16.99
CA GLU B 251 -6.33 5.13 16.34
C GLU B 251 -6.75 4.04 17.32
N ALA B 252 -5.91 3.74 18.31
CA ALA B 252 -6.18 2.67 19.26
C ALA B 252 -7.01 3.11 20.47
N SER B 253 -7.47 4.36 20.51
CA SER B 253 -8.20 4.88 21.66
C SER B 253 -9.62 5.27 21.26
N ASP B 254 -10.56 4.95 22.14
CA ASP B 254 -11.98 5.22 21.94
C ASP B 254 -12.34 6.70 22.10
N TRP B 255 -11.38 7.57 22.40
CA TRP B 255 -11.65 9.00 22.45
C TRP B 255 -11.16 9.75 21.24
N SER B 256 -10.47 9.08 20.32
CA SER B 256 -9.99 9.69 19.08
C SER B 256 -10.61 9.02 17.87
N VAL B 257 -10.73 9.79 16.79
CA VAL B 257 -11.32 9.33 15.54
C VAL B 257 -10.26 9.36 14.45
N ALA B 258 -9.00 9.18 14.82
CA ALA B 258 -7.92 9.21 13.84
C ALA B 258 -7.98 7.99 12.94
N GLY B 259 -7.89 8.20 11.65
CA GLY B 259 -7.87 7.10 10.69
C GLY B 259 -9.21 6.87 10.01
N GLN B 260 -10.27 6.81 10.82
CA GLN B 260 -11.60 6.57 10.29
C GLN B 260 -12.14 7.81 9.57
N GLY B 261 -13.13 7.59 8.71
CA GLY B 261 -13.73 8.65 7.94
C GLY B 261 -15.06 9.12 8.53
N LEU B 262 -15.57 10.19 7.95
CA LEU B 262 -16.81 10.81 8.45
C LEU B 262 -17.94 9.80 8.52
N TYR B 263 -17.98 8.85 7.58
CA TYR B 263 -19.05 7.85 7.59
C TYR B 263 -19.05 6.99 8.83
N LYS B 264 -18.02 7.06 9.67
CA LYS B 264 -17.97 6.30 10.90
C LYS B 264 -18.07 7.18 12.15
N TYR B 265 -18.12 8.50 11.97
CA TYR B 265 -18.17 9.40 13.13
C TYR B 265 -19.50 9.28 13.85
N GLY B 266 -20.58 9.13 13.10
CA GLY B 266 -21.91 9.14 13.70
C GLY B 266 -22.16 7.99 14.65
N ASP B 267 -21.91 6.75 14.19
CA ASP B 267 -22.10 5.59 15.05
C ASP B 267 -21.21 5.65 16.29
N ARG B 268 -20.05 6.30 16.21
CA ARG B 268 -19.25 6.50 17.41
C ARG B 268 -19.97 7.43 18.39
N VAL B 269 -20.60 8.49 17.89
CA VAL B 269 -21.34 9.40 18.76
C VAL B 269 -22.52 8.69 19.40
N LYS B 270 -23.27 7.90 18.62
CA LYS B 270 -24.44 7.22 19.15
C LYS B 270 -24.07 6.18 20.21
N LYS B 271 -22.89 5.58 20.08
CA LYS B 271 -22.44 4.65 21.11
C LYS B 271 -22.18 5.37 22.43
N ALA B 272 -21.63 6.58 22.37
CA ALA B 272 -21.32 7.29 23.62
C ALA B 272 -22.58 7.82 24.29
N MET B 273 -23.59 8.20 23.50
CA MET B 273 -24.82 8.72 24.08
C MET B 273 -25.57 7.63 24.83
N ASN B 274 -25.63 6.41 24.26
CA ASN B 274 -26.38 5.32 24.87
C ASN B 274 -25.85 4.92 26.25
N ALA B 275 -24.56 5.16 26.52
CA ALA B 275 -23.99 4.83 27.81
C ALA B 275 -24.09 5.96 28.82
N THR B 276 -24.12 7.20 28.34
CA THR B 276 -24.08 8.37 29.21
C THR B 276 -25.45 9.07 29.26
N GLY B 277 -25.89 9.67 28.15
CA GLY B 277 -27.20 10.28 28.06
C GLY B 277 -27.20 11.79 28.01
N ALA B 278 -26.13 12.44 28.46
CA ALA B 278 -26.00 13.89 28.39
C ALA B 278 -24.64 14.22 27.81
N ALA B 279 -24.60 15.15 26.86
CA ALA B 279 -23.39 15.50 26.14
C ALA B 279 -23.16 17.00 26.22
N ILE B 280 -21.89 17.38 26.39
CA ILE B 280 -21.47 18.77 26.39
C ILE B 280 -20.40 18.92 25.32
N ALA B 281 -20.69 19.74 24.31
CA ALA B 281 -19.80 19.93 23.16
C ALA B 281 -19.50 21.42 23.02
N GLU B 282 -18.33 21.84 23.50
CA GLU B 282 -17.95 23.24 23.55
C GLU B 282 -16.69 23.45 22.73
N ASP B 283 -16.61 24.61 22.06
CA ASP B 283 -15.45 24.99 21.27
C ASP B 283 -14.63 26.05 21.99
N ILE B 284 -13.32 26.02 21.76
CA ILE B 284 -12.42 27.05 22.23
C ILE B 284 -12.09 27.97 21.06
N ALA B 285 -12.32 29.26 21.24
CA ALA B 285 -12.11 30.23 20.17
C ALA B 285 -10.62 30.41 19.93
N GLY B 286 -10.17 30.10 18.71
CA GLY B 286 -8.78 30.27 18.35
C GLY B 286 -7.83 29.44 19.20
N TRP B 287 -8.03 28.12 19.18
CA TRP B 287 -7.30 27.23 20.06
C TRP B 287 -5.79 27.33 19.86
N ASP B 288 -5.35 27.51 18.61
CA ASP B 288 -3.92 27.56 18.31
C ASP B 288 -3.24 28.73 19.01
N THR B 289 -3.94 29.84 19.17
CA THR B 289 -3.35 31.03 19.78
C THR B 289 -3.49 31.06 21.30
N LYS B 290 -4.18 30.07 21.89
CA LYS B 290 -4.44 30.08 23.32
C LYS B 290 -3.69 28.99 24.07
N VAL B 291 -2.85 28.20 23.40
CA VAL B 291 -2.04 27.22 24.09
C VAL B 291 -0.82 27.90 24.68
N SER B 292 -0.49 27.56 25.92
CA SER B 292 0.60 28.16 26.67
C SER B 292 1.88 27.34 26.50
N LYS B 293 3.01 27.98 26.81
CA LYS B 293 4.28 27.27 26.77
C LYS B 293 4.32 26.16 27.81
N GLY B 294 3.65 26.35 28.95
CA GLY B 294 3.60 25.31 29.96
C GLY B 294 2.90 24.07 29.45
N LEU B 295 1.77 24.24 28.76
CA LEU B 295 1.11 23.10 28.12
C LEU B 295 2.04 22.44 27.12
N LEU B 296 2.81 23.24 26.39
CA LEU B 296 3.78 22.69 25.45
C LEU B 296 4.93 21.98 26.17
N THR B 297 5.19 22.36 27.43
CA THR B 297 6.21 21.66 28.20
C THR B 297 5.69 20.33 28.71
N LEU B 298 4.46 20.31 29.24
CA LEU B 298 3.82 19.08 29.69
C LEU B 298 3.61 18.10 28.54
N GLU B 299 3.64 18.61 27.31
CA GLU B 299 3.46 17.80 26.11
C GLU B 299 4.73 17.04 25.76
N ALA B 300 5.81 17.79 25.47
CA ALA B 300 7.14 17.23 25.29
C ALA B 300 7.48 16.20 26.34
N HIS B 301 7.34 16.58 27.62
CA HIS B 301 7.66 15.67 28.71
C HIS B 301 6.87 14.36 28.61
N MET B 302 5.61 14.45 28.19
CA MET B 302 4.85 13.22 27.95
C MET B 302 5.42 12.46 26.76
N PHE B 303 5.79 13.15 25.69
CA PHE B 303 6.34 12.47 24.53
C PHE B 303 7.76 11.99 24.74
N CYS B 304 8.48 12.58 25.71
CA CYS B 304 9.79 12.06 26.07
C CYS B 304 9.67 10.71 26.76
N ARG B 305 8.70 10.56 27.68
CA ARG B 305 8.44 9.26 28.28
C ARG B 305 7.87 8.26 27.29
N LEU B 306 7.60 8.68 26.06
CA LEU B 306 7.14 7.80 25.00
C LEU B 306 8.21 7.53 23.94
N ALA B 307 9.35 8.22 24.02
CA ALA B 307 10.38 8.08 23.00
C ALA B 307 11.01 6.69 23.05
N GLU B 308 11.46 6.23 21.88
CA GLU B 308 12.00 4.88 21.78
C GLU B 308 13.37 4.77 22.43
N ASP B 309 14.27 5.70 22.12
CA ASP B 309 15.64 5.68 22.61
C ASP B 309 15.99 7.02 23.25
N ALA B 310 17.14 7.05 23.92
CA ALA B 310 17.58 8.28 24.58
C ALA B 310 17.82 9.39 23.57
N GLU B 311 18.34 9.05 22.38
CA GLU B 311 18.53 10.05 21.34
C GLU B 311 17.19 10.68 20.93
N MET B 312 16.16 9.85 20.79
CA MET B 312 14.84 10.38 20.47
C MET B 312 14.32 11.32 21.56
N GLU B 313 14.67 11.05 22.82
CA GLU B 313 14.28 11.94 23.90
C GLU B 313 14.83 13.34 23.69
N LYS B 314 16.09 13.44 23.30
CA LYS B 314 16.65 14.75 22.96
C LYS B 314 15.98 15.34 21.73
N GLU B 315 15.58 14.49 20.78
CA GLU B 315 14.98 15.00 19.55
C GLU B 315 13.60 15.62 19.82
N ILE B 316 12.81 15.02 20.72
CA ILE B 316 11.49 15.55 21.01
C ILE B 316 11.60 16.84 21.81
N HIS B 317 12.48 16.85 22.82
CA HIS B 317 12.63 18.03 23.66
C HIS B 317 13.28 19.17 22.91
N SER B 318 14.26 18.87 22.04
CA SER B 318 14.90 19.93 21.26
C SER B 318 13.95 20.49 20.21
N LEU B 319 13.06 19.66 19.66
CA LEU B 319 12.09 20.16 18.69
C LEU B 319 11.09 21.10 19.34
N TYR B 320 10.66 20.79 20.56
CA TYR B 320 9.71 21.65 21.26
C TYR B 320 10.35 22.95 21.72
N ARG B 321 11.69 22.98 21.84
CA ARG B 321 12.36 24.25 22.09
C ARG B 321 12.20 25.19 20.91
N LEU B 322 12.07 24.66 19.69
CA LEU B 322 11.72 25.47 18.54
C LEU B 322 10.20 25.67 18.45
N TYR B 323 9.42 24.68 18.90
CA TYR B 323 7.97 24.83 18.88
C TYR B 323 7.52 25.98 19.79
N ALA B 324 7.98 25.96 21.04
CA ALA B 324 7.82 27.14 21.87
C ALA B 324 8.75 28.24 21.37
N ASN B 325 8.49 29.47 21.84
CA ASN B 325 9.18 30.69 21.44
C ASN B 325 9.56 30.69 19.95
N PRO B 326 8.58 30.76 19.05
CA PRO B 326 8.87 30.63 17.62
C PRO B 326 9.27 31.96 17.00
N TYR B 327 9.59 31.91 15.71
CA TYR B 327 9.86 33.07 14.89
C TYR B 327 9.06 32.94 13.59
N MET B 328 8.58 34.07 13.08
CA MET B 328 7.79 34.05 11.86
C MET B 328 7.88 35.42 11.18
N VAL B 329 7.32 35.49 9.98
CA VAL B 329 7.33 36.69 9.16
C VAL B 329 5.93 36.92 8.63
N VAL B 330 5.51 38.19 8.58
CA VAL B 330 4.17 38.58 8.13
C VAL B 330 4.31 39.84 7.28
N GLN B 331 3.35 40.05 6.37
CA GLN B 331 3.35 41.21 5.50
C GLN B 331 2.35 42.26 5.98
N ARG B 332 2.48 43.47 5.42
CA ARG B 332 1.57 44.57 5.70
C ARG B 332 1.60 45.52 4.51
N GLU B 333 0.63 46.43 4.45
CA GLU B 333 0.49 47.34 3.31
C GLU B 333 0.75 48.80 3.64
N ILE B 334 0.28 49.28 4.80
CA ILE B 334 0.56 50.61 5.35
C ILE B 334 0.52 51.72 4.30
N GLU B 335 -0.51 51.70 3.47
CA GLU B 335 -0.79 52.74 2.47
C GLU B 335 0.46 53.01 1.62
N GLY B 336 0.91 51.98 0.92
CA GLY B 336 1.98 52.18 -0.05
C GLY B 336 3.15 51.22 0.00
N GLU B 337 3.66 50.93 1.19
CA GLU B 337 4.91 50.19 1.33
C GLU B 337 4.63 48.79 1.87
N VAL B 338 4.56 47.80 0.98
CA VAL B 338 4.44 46.41 1.39
C VAL B 338 5.75 45.98 2.04
N HIS B 339 5.66 45.47 3.27
CA HIS B 339 6.83 45.13 4.06
C HIS B 339 6.83 43.65 4.43
N ASP B 340 8.00 43.18 4.87
CA ASP B 340 8.23 41.79 5.27
C ASP B 340 8.71 41.84 6.72
N VAL B 341 7.82 41.57 7.67
CA VAL B 341 8.02 41.87 9.08
C VAL B 341 8.28 40.58 9.84
N LEU B 342 9.45 40.48 10.46
CA LEU B 342 9.80 39.34 11.30
C LEU B 342 9.33 39.59 12.73
N LEU B 343 8.74 38.56 13.34
CA LEU B 343 8.20 38.65 14.69
C LEU B 343 8.52 37.37 15.44
N ARG B 344 8.53 37.46 16.77
CA ARG B 344 8.77 36.31 17.63
C ARG B 344 7.72 36.26 18.73
N GLY B 345 7.31 35.04 19.07
CA GLY B 345 6.32 34.83 20.11
C GLY B 345 6.77 33.83 21.15
N ARG B 346 5.81 33.19 21.82
CA ARG B 346 6.13 32.26 22.89
C ARG B 346 4.97 31.29 23.07
N GLY B 347 5.25 29.99 22.94
CA GLY B 347 4.32 28.95 23.35
C GLY B 347 3.11 28.72 22.47
N GLN B 348 3.01 29.38 21.32
CA GLN B 348 1.82 29.24 20.48
C GLN B 348 1.94 28.07 19.52
N VAL B 349 0.79 27.55 19.11
CA VAL B 349 0.73 26.32 18.32
C VAL B 349 0.76 26.66 16.84
N SER B 350 1.63 25.97 16.10
CA SER B 350 1.84 26.24 14.69
C SER B 350 0.73 25.63 13.84
N SER B 351 0.15 26.46 12.97
CA SER B 351 -1.03 26.06 12.21
C SER B 351 -0.68 25.05 11.11
N GLY B 352 0.45 25.25 10.44
CA GLY B 352 0.80 24.49 9.26
C GLY B 352 1.66 23.25 9.44
N ARG B 353 2.15 22.98 10.64
CA ARG B 353 3.00 21.80 10.84
C ARG B 353 2.17 20.52 10.82
N GLN B 354 2.78 19.45 10.30
CA GLN B 354 2.04 18.19 10.11
C GLN B 354 1.58 17.56 11.41
N PRO B 355 2.46 17.22 12.37
CA PRO B 355 2.01 16.49 13.56
C PRO B 355 1.24 17.32 14.57
N THR B 356 0.86 18.56 14.24
CA THR B 356 0.13 19.38 15.20
C THR B 356 -1.20 18.77 15.58
N TYR B 357 -1.89 18.14 14.61
CA TYR B 357 -3.22 17.58 14.88
C TYR B 357 -3.16 16.56 16.01
N ALA B 358 -2.15 15.69 16.00
CA ALA B 358 -2.02 14.69 17.05
C ALA B 358 -1.80 15.32 18.40
N ALA B 359 -0.87 16.27 18.48
CA ALA B 359 -0.59 16.94 19.74
C ALA B 359 -1.82 17.69 20.24
N ASN B 360 -2.46 18.48 19.37
CA ASN B 360 -3.67 19.20 19.75
C ASN B 360 -4.73 18.27 20.34
N THR B 361 -4.94 17.11 19.71
CA THR B 361 -5.95 16.18 20.20
C THR B 361 -5.59 15.64 21.58
N ILE B 362 -4.31 15.29 21.79
CA ILE B 362 -3.88 14.77 23.08
C ILE B 362 -3.97 15.86 24.15
N THR B 363 -3.42 17.05 23.87
CA THR B 363 -3.42 18.09 24.88
C THR B 363 -4.82 18.63 25.16
N ASN B 364 -5.73 18.54 24.19
CA ASN B 364 -7.13 18.86 24.48
C ASN B 364 -7.75 17.82 25.40
N PHE B 365 -7.65 16.55 25.02
CA PHE B 365 -8.14 15.44 25.84
C PHE B 365 -7.68 15.60 27.29
N VAL B 366 -6.38 15.83 27.49
CA VAL B 366 -5.84 15.91 28.84
C VAL B 366 -6.42 17.10 29.60
N THR B 367 -6.40 18.29 29.00
CA THR B 367 -6.95 19.47 29.67
C THR B 367 -8.41 19.28 30.01
N THR B 368 -9.17 18.60 29.13
CA THR B 368 -10.60 18.45 29.34
C THR B 368 -10.91 17.46 30.46
N VAL B 369 -10.23 16.31 30.47
CA VAL B 369 -10.48 15.33 31.53
C VAL B 369 -10.03 15.88 32.88
N TYR B 370 -8.96 16.67 32.90
CA TYR B 370 -8.49 17.23 34.17
C TYR B 370 -9.55 18.13 34.80
N GLY B 371 -10.13 19.03 34.00
CA GLY B 371 -11.21 19.86 34.52
C GLY B 371 -12.42 19.04 34.92
N MET B 372 -12.66 17.93 34.21
CA MET B 372 -13.80 17.08 34.52
C MET B 372 -13.62 16.43 35.89
N ALA B 373 -12.44 15.86 36.15
CA ALA B 373 -12.17 15.26 37.45
C ALA B 373 -12.21 16.30 38.56
N ARG B 374 -11.73 17.52 38.26
CA ARG B 374 -11.77 18.56 39.28
C ARG B 374 -13.19 19.01 39.60
N ALA B 375 -14.11 18.90 38.64
CA ALA B 375 -15.48 19.34 38.87
C ALA B 375 -16.38 18.25 39.44
N LEU B 376 -16.07 16.97 39.17
CA LEU B 376 -16.91 15.88 39.65
C LEU B 376 -16.44 15.35 41.01
N ASP B 377 -15.48 16.01 41.66
CA ASP B 377 -14.89 15.55 42.92
C ASP B 377 -14.30 14.14 42.77
N ILE B 378 -13.61 13.91 41.66
CA ILE B 378 -12.92 12.63 41.45
C ILE B 378 -11.58 12.71 42.18
N PRO B 379 -11.36 11.91 43.21
CA PRO B 379 -10.07 11.94 43.90
C PRO B 379 -8.95 11.46 42.97
N GLU B 380 -7.73 11.90 43.29
CA GLU B 380 -6.56 11.57 42.47
C GLU B 380 -6.34 10.06 42.39
N ALA B 381 -6.69 9.34 43.46
CA ALA B 381 -6.51 7.89 43.48
C ALA B 381 -7.32 7.19 42.40
N ASP B 382 -8.39 7.82 41.91
CA ASP B 382 -9.26 7.25 40.89
C ASP B 382 -8.92 7.75 39.49
N TRP B 383 -7.91 8.60 39.35
CA TRP B 383 -7.51 9.17 38.06
C TRP B 383 -6.85 8.14 37.15
N PRO B 384 -5.95 7.28 37.64
CA PRO B 384 -5.41 6.23 36.75
C PRO B 384 -6.48 5.35 36.12
N GLU B 385 -7.57 5.06 36.84
CA GLU B 385 -8.65 4.28 36.24
C GLU B 385 -9.50 5.11 35.28
N LEU B 386 -9.68 6.40 35.57
CA LEU B 386 -10.49 7.25 34.71
C LEU B 386 -9.94 7.28 33.29
N VAL B 387 -8.62 7.42 33.15
CA VAL B 387 -8.01 7.49 31.83
C VAL B 387 -8.17 6.16 31.09
N ARG B 388 -8.10 5.03 31.80
CA ARG B 388 -8.26 3.73 31.16
C ARG B 388 -9.69 3.53 30.68
N SER B 389 -10.66 3.81 31.55
CA SER B 389 -12.07 3.71 31.17
C SER B 389 -12.37 4.56 29.95
N LEU B 390 -11.78 5.75 29.87
CA LEU B 390 -12.04 6.65 28.75
C LEU B 390 -11.35 6.16 27.47
N THR B 391 -10.15 5.59 27.61
CA THR B 391 -9.45 5.04 26.45
C THR B 391 -10.08 3.74 25.99
N ASP B 392 -10.47 2.88 26.94
CA ASP B 392 -11.09 1.61 26.56
C ASP B 392 -12.50 1.83 26.00
N GLY B 393 -13.24 2.80 26.54
CA GLY B 393 -14.60 3.04 26.14
C GLY B 393 -15.65 2.47 27.08
N SER B 394 -15.38 2.42 28.38
CA SER B 394 -16.32 1.90 29.35
C SER B 394 -16.66 2.98 30.38
N GLY B 395 -17.67 2.70 31.20
CA GLY B 395 -18.08 3.60 32.25
C GLY B 395 -19.07 4.65 31.77
N ASP B 396 -19.58 5.42 32.75
CA ASP B 396 -20.55 6.48 32.47
C ASP B 396 -19.89 7.74 31.94
N ARG B 397 -18.63 7.68 31.54
CA ARG B 397 -17.90 8.85 31.07
C ARG B 397 -17.19 8.49 29.77
N ARG B 398 -17.64 9.09 28.67
CA ARG B 398 -17.04 8.90 27.36
C ARG B 398 -16.69 10.26 26.76
N LEU B 399 -15.67 10.29 25.91
CA LEU B 399 -15.19 11.54 25.36
C LEU B 399 -14.76 11.30 23.91
N LEU B 400 -14.84 12.35 23.10
CA LEU B 400 -14.52 12.25 21.68
C LEU B 400 -13.76 13.50 21.27
N VAL B 401 -12.49 13.34 20.91
CA VAL B 401 -11.60 14.48 20.65
C VAL B 401 -11.14 14.42 19.20
N SER B 402 -10.93 15.59 18.59
CA SER B 402 -10.36 15.69 17.24
C SER B 402 -9.86 17.13 17.05
N GLY B 403 -8.63 17.38 17.48
CA GLY B 403 -8.09 18.73 17.42
C GLY B 403 -8.81 19.61 18.43
N ASP B 404 -9.23 20.79 17.99
CA ASP B 404 -9.93 21.71 18.87
C ASP B 404 -11.37 21.31 19.12
N ASP B 405 -11.84 20.20 18.57
CA ASP B 405 -13.23 19.78 18.67
C ASP B 405 -13.37 18.57 19.58
N LYS B 406 -14.32 18.64 20.51
CA LYS B 406 -14.54 17.61 21.51
C LYS B 406 -16.02 17.53 21.83
N VAL B 407 -16.45 16.35 22.29
CA VAL B 407 -17.79 16.16 22.85
C VAL B 407 -17.65 15.30 24.09
N LEU B 408 -18.05 15.84 25.24
CA LEU B 408 -17.96 15.12 26.50
C LEU B 408 -19.29 14.48 26.80
N PHE B 409 -19.28 13.16 26.99
CA PHE B 409 -20.47 12.38 27.28
C PHE B 409 -20.47 11.98 28.74
N LEU B 410 -21.52 12.35 29.46
CA LEU B 410 -21.58 12.10 30.90
C LEU B 410 -23.00 11.72 31.29
N ARG B 411 -23.12 11.17 32.50
CA ARG B 411 -24.42 10.82 33.04
C ARG B 411 -25.17 12.08 33.46
N GLY B 412 -26.50 11.94 33.58
CA GLY B 412 -27.34 13.10 33.85
C GLY B 412 -26.87 13.93 35.02
N ASP B 413 -26.68 13.30 36.18
CA ASP B 413 -26.30 14.06 37.35
C ASP B 413 -24.84 14.52 37.28
N GLU B 414 -23.97 13.76 36.63
CA GLU B 414 -22.59 14.19 36.48
C GLU B 414 -22.45 15.32 35.47
N ALA B 415 -23.31 15.35 34.45
CA ALA B 415 -23.24 16.41 33.45
C ALA B 415 -23.71 17.75 34.01
N ARG B 416 -24.65 17.74 34.96
CA ARG B 416 -25.12 18.99 35.54
C ARG B 416 -24.05 19.60 36.44
N THR B 417 -23.28 18.76 37.13
CA THR B 417 -22.17 19.27 37.93
C THR B 417 -21.05 19.80 37.05
N TYR B 418 -20.79 19.13 35.93
CA TYR B 418 -19.78 19.61 35.00
C TYR B 418 -20.17 20.96 34.42
N SER B 419 -21.47 21.25 34.33
CA SER B 419 -21.93 22.47 33.70
C SER B 419 -21.73 23.69 34.59
N LYS B 420 -21.88 23.53 35.91
CA LYS B 420 -21.83 24.64 36.84
C LYS B 420 -20.45 24.89 37.43
N LYS B 421 -19.46 24.03 37.16
CA LYS B 421 -18.18 24.15 37.86
C LYS B 421 -16.95 24.07 36.95
N ALA B 422 -17.04 23.35 35.83
CA ALA B 422 -15.83 23.00 35.07
C ALA B 422 -15.21 24.15 34.30
N PHE B 423 -15.96 25.21 33.98
CA PHE B 423 -15.40 26.27 33.15
C PHE B 423 -14.30 27.03 33.85
N ARG B 424 -14.32 27.08 35.19
CA ARG B 424 -13.29 27.80 35.92
C ARG B 424 -11.92 27.17 35.71
N TYR B 425 -11.87 25.87 35.47
CA TYR B 425 -10.60 25.20 35.24
C TYR B 425 -10.09 25.42 33.81
N GLY B 426 -10.99 25.57 32.84
CA GLY B 426 -10.55 25.90 31.49
C GLY B 426 -10.09 27.34 31.37
N ASN B 427 -10.81 28.27 32.01
CA ASN B 427 -10.48 29.69 31.95
C ASN B 427 -9.17 30.02 32.63
N ASP B 428 -8.76 29.23 33.63
CA ASP B 428 -7.48 29.47 34.28
C ASP B 428 -6.33 29.23 33.31
N MET B 429 -6.45 28.19 32.48
CA MET B 429 -5.42 27.82 31.52
C MET B 429 -5.40 28.73 30.30
N GLY B 430 -6.36 29.64 30.18
CA GLY B 430 -6.45 30.53 29.04
C GLY B 430 -7.33 30.03 27.90
N LEU B 431 -8.16 29.03 28.14
CA LEU B 431 -9.00 28.42 27.11
C LEU B 431 -10.43 28.88 27.34
N VAL B 432 -10.77 30.00 26.71
CA VAL B 432 -12.11 30.57 26.85
C VAL B 432 -13.01 29.98 25.78
N ARG B 433 -14.22 29.60 26.17
CA ARG B 433 -15.15 28.99 25.24
C ARG B 433 -15.72 30.03 24.28
N LYS B 434 -15.92 29.63 23.03
CA LYS B 434 -16.38 30.52 21.99
C LYS B 434 -17.88 30.75 22.10
N ASP B 435 -18.31 31.98 21.83
CA ASP B 435 -19.71 32.39 21.86
C ASP B 435 -20.40 31.94 23.16
N MET B 436 -19.88 32.44 24.27
CA MET B 436 -20.43 32.06 25.56
C MET B 436 -19.83 32.99 26.62
N GLY B 437 -20.56 33.12 27.73
CA GLY B 437 -20.04 33.87 28.85
C GLY B 437 -18.95 33.10 29.58
N LEU B 438 -17.98 33.85 30.12
CA LEU B 438 -16.83 33.24 30.77
C LEU B 438 -17.26 32.25 31.84
N GLU B 439 -18.27 32.59 32.63
CA GLU B 439 -18.76 31.71 33.68
C GLU B 439 -20.20 31.25 33.41
N GLN B 440 -20.55 31.13 32.14
CA GLN B 440 -21.87 30.60 31.78
C GLN B 440 -21.85 29.08 31.87
N GLU B 441 -22.91 28.54 32.44
CA GLU B 441 -23.01 27.09 32.57
C GLU B 441 -23.12 26.45 31.20
N SER B 442 -22.51 25.27 31.07
CA SER B 442 -22.55 24.53 29.81
C SER B 442 -23.97 24.10 29.49
N GLU B 443 -24.25 24.00 28.20
CA GLU B 443 -25.57 23.59 27.72
C GLU B 443 -25.59 22.07 27.57
N ILE B 444 -26.48 21.42 28.31
CA ILE B 444 -26.61 19.96 28.29
C ILE B 444 -27.43 19.57 27.08
N ILE B 445 -26.88 18.69 26.23
CA ILE B 445 -27.56 18.25 25.01
C ILE B 445 -28.20 16.90 25.26
N THR B 446 -29.48 16.78 24.89
CA THR B 446 -30.27 15.57 25.01
C THR B 446 -30.48 14.87 23.67
N ASP B 447 -30.83 15.62 22.64
CA ASP B 447 -30.99 15.04 21.31
C ASP B 447 -29.61 14.78 20.72
N VAL B 448 -29.34 13.52 20.38
CA VAL B 448 -28.06 13.17 19.76
C VAL B 448 -27.87 13.93 18.46
N ARG B 449 -28.98 14.24 17.78
CA ARG B 449 -28.94 14.95 16.50
C ARG B 449 -28.56 16.43 16.64
N GLU B 450 -28.35 16.91 17.87
CA GLU B 450 -27.87 18.27 18.10
C GLU B 450 -26.40 18.31 18.52
N ILE B 451 -25.66 17.21 18.36
CA ILE B 451 -24.26 17.16 18.75
C ILE B 451 -23.38 17.51 17.55
N SER B 452 -22.57 18.56 17.71
CA SER B 452 -21.72 19.06 16.63
C SER B 452 -20.30 18.54 16.85
N PHE B 453 -19.87 17.64 15.98
CA PHE B 453 -18.52 17.11 16.00
C PHE B 453 -17.95 17.14 14.59
N CYS B 454 -16.73 17.66 14.46
CA CYS B 454 -16.03 17.79 13.18
C CYS B 454 -16.91 18.47 12.14
N SER B 455 -17.55 19.57 12.55
CA SER B 455 -18.34 20.49 11.73
C SER B 455 -19.65 19.87 11.23
N HIS B 456 -19.96 18.64 11.60
CA HIS B 456 -21.16 17.98 11.10
C HIS B 456 -22.02 17.48 12.26
N GLN B 457 -23.32 17.52 12.06
CA GLN B 457 -24.24 16.80 12.91
C GLN B 457 -24.45 15.40 12.34
N TYR B 458 -25.18 14.56 13.08
CA TYR B 458 -25.31 13.15 12.74
C TYR B 458 -26.75 12.71 12.94
N TRP B 459 -27.40 12.37 11.83
CA TRP B 459 -28.79 12.00 11.78
C TRP B 459 -28.94 10.52 11.45
N PRO B 460 -30.01 9.88 11.89
CA PRO B 460 -30.18 8.45 11.64
C PRO B 460 -30.61 8.17 10.21
N VAL B 461 -29.99 7.14 9.63
CA VAL B 461 -30.27 6.71 8.27
C VAL B 461 -30.42 5.19 8.27
N LYS B 462 -31.38 4.70 7.50
CA LYS B 462 -31.71 3.28 7.44
C LYS B 462 -30.90 2.60 6.34
N TYR B 463 -30.13 1.58 6.71
CA TYR B 463 -29.39 0.76 5.78
C TYR B 463 -29.94 -0.66 5.87
N GLY B 464 -30.91 -0.96 5.02
CA GLY B 464 -31.54 -2.27 5.05
C GLY B 464 -32.26 -2.44 6.38
N ASP B 465 -31.81 -3.42 7.16
CA ASP B 465 -32.32 -3.61 8.52
C ASP B 465 -31.54 -2.85 9.57
N GLU B 466 -30.45 -2.18 9.21
CA GLU B 466 -29.63 -1.46 10.16
C GLU B 466 -29.87 0.05 10.05
N VAL B 467 -29.62 0.75 11.15
CA VAL B 467 -29.70 2.20 11.21
C VAL B 467 -28.36 2.71 11.72
N HIS B 468 -27.76 3.63 10.97
CA HIS B 468 -26.48 4.23 11.32
C HIS B 468 -26.63 5.74 11.26
N TYR B 469 -25.79 6.45 12.00
CA TYR B 469 -25.83 7.90 12.04
C TYR B 469 -24.78 8.47 11.10
N MET B 470 -25.21 9.34 10.19
CA MET B 470 -24.39 9.76 9.06
C MET B 470 -24.21 11.28 9.06
N PRO B 471 -23.02 11.75 8.69
CA PRO B 471 -22.71 13.19 8.83
C PRO B 471 -23.62 14.06 7.98
N VAL B 472 -24.25 15.03 8.63
CA VAL B 472 -25.10 16.02 7.97
C VAL B 472 -24.56 17.40 8.29
N ARG B 473 -24.44 18.23 7.26
CA ARG B 473 -24.10 19.63 7.42
C ARG B 473 -25.05 20.45 6.57
N ASP B 474 -24.99 21.77 6.73
CA ASP B 474 -25.67 22.64 5.79
C ASP B 474 -25.26 22.24 4.37
N VAL B 475 -26.28 22.04 3.53
CA VAL B 475 -26.00 21.60 2.16
C VAL B 475 -25.21 22.66 1.41
N GLY B 476 -25.41 23.94 1.76
CA GLY B 476 -24.71 25.00 1.06
C GLY B 476 -23.21 24.88 1.20
N GLU B 477 -22.72 24.66 2.42
CA GLU B 477 -21.29 24.49 2.62
C GLU B 477 -20.77 23.28 1.84
N ILE B 478 -21.48 22.16 1.92
CA ILE B 478 -21.09 20.94 1.20
C ILE B 478 -20.84 21.25 -0.27
N MET B 479 -21.85 21.81 -0.93
CA MET B 479 -21.75 22.11 -2.35
C MET B 479 -20.72 23.20 -2.64
N ALA B 480 -20.48 24.11 -1.69
CA ALA B 480 -19.53 25.19 -1.94
C ALA B 480 -18.11 24.66 -2.03
N LYS B 481 -17.75 23.68 -1.19
CA LYS B 481 -16.41 23.11 -1.25
C LYS B 481 -16.21 22.18 -2.43
N ALA B 482 -17.30 21.63 -2.99
CA ALA B 482 -17.20 20.82 -4.19
C ALA B 482 -16.94 21.66 -5.44
N SER B 483 -17.28 22.94 -5.41
CA SER B 483 -17.10 23.82 -6.56
C SER B 483 -15.86 24.70 -6.44
N MET B 484 -15.63 25.32 -5.28
CA MET B 484 -14.50 26.23 -5.10
C MET B 484 -13.22 25.41 -4.86
N SER B 485 -12.27 25.52 -5.78
CA SER B 485 -10.95 24.91 -5.64
C SER B 485 -10.28 25.36 -4.36
N GLY B 487 -5.93 26.56 -7.01
CA GLY B 487 -4.64 26.20 -7.58
C GLY B 487 -4.67 24.94 -8.41
N VAL B 488 -4.20 25.06 -9.65
CA VAL B 488 -4.26 23.96 -10.61
C VAL B 488 -2.85 23.67 -11.10
N TYR B 489 -2.69 22.62 -11.89
CA TYR B 489 -1.41 22.36 -12.55
C TYR B 489 -1.54 22.31 -14.07
N ARG B 490 -2.75 22.13 -14.61
CA ARG B 490 -2.98 22.11 -16.06
C ARG B 490 -4.38 22.57 -16.43
N ASP B 491 -5.04 23.32 -15.54
CA ASP B 491 -6.38 23.87 -15.75
C ASP B 491 -7.32 22.73 -16.09
N ASP B 492 -7.87 22.66 -17.29
CA ASP B 492 -8.81 21.60 -17.64
C ASP B 492 -8.11 20.24 -17.69
N THR B 493 -8.91 19.17 -17.55
CA THR B 493 -8.46 17.78 -17.45
C THR B 493 -7.65 17.52 -16.18
N THR B 494 -7.09 18.56 -15.56
CA THR B 494 -6.75 18.51 -14.15
C THR B 494 -7.91 19.02 -13.31
N GLN B 495 -8.70 19.94 -13.86
CA GLN B 495 -9.93 20.41 -13.25
C GLN B 495 -11.04 19.37 -13.34
N GLU B 496 -11.10 18.65 -14.46
CA GLU B 496 -12.07 17.57 -14.60
C GLU B 496 -11.81 16.49 -13.56
N ALA B 497 -10.56 16.03 -13.45
CA ALA B 497 -10.19 15.06 -12.43
C ALA B 497 -10.56 15.54 -11.04
N TRP B 498 -10.29 16.82 -10.75
CA TRP B 498 -10.65 17.37 -9.45
C TRP B 498 -12.15 17.42 -9.24
N ALA B 499 -12.94 17.36 -10.31
CA ALA B 499 -14.39 17.40 -10.16
C ALA B 499 -14.95 16.03 -9.76
N ARG B 500 -14.54 14.95 -10.44
CA ARG B 500 -15.05 13.63 -10.07
C ARG B 500 -14.44 13.13 -8.77
N VAL B 501 -13.21 13.55 -8.44
CA VAL B 501 -12.66 13.24 -7.12
C VAL B 501 -13.59 13.78 -6.04
N GLN B 502 -14.10 15.00 -6.22
CA GLN B 502 -15.11 15.51 -5.31
C GLN B 502 -16.44 14.78 -5.48
N GLY B 503 -16.72 14.32 -6.69
CA GLY B 503 -17.92 13.51 -6.89
C GLY B 503 -17.89 12.23 -6.08
N PHE B 504 -16.74 11.53 -6.07
CA PHE B 504 -16.63 10.30 -5.30
C PHE B 504 -16.72 10.57 -3.80
N ASN B 505 -16.05 11.62 -3.33
CA ASN B 505 -16.17 12.02 -1.93
C ASN B 505 -17.61 12.30 -1.54
N MET B 506 -18.33 13.04 -2.39
CA MET B 506 -19.71 13.39 -2.07
C MET B 506 -20.61 12.17 -2.01
N LEU B 507 -20.32 11.15 -2.84
CA LEU B 507 -21.14 9.94 -2.83
C LEU B 507 -20.82 9.06 -1.63
N VAL B 508 -19.55 9.04 -1.20
CA VAL B 508 -19.18 8.19 -0.07
C VAL B 508 -19.71 8.77 1.24
N ASN B 509 -19.54 10.09 1.44
CA ASN B 509 -19.85 10.69 2.73
C ASN B 509 -21.24 11.29 2.84
N TYR B 510 -21.95 11.53 1.73
CA TYR B 510 -23.24 12.21 1.81
C TYR B 510 -24.31 11.54 0.96
N HIS B 511 -24.16 10.25 0.64
CA HIS B 511 -25.16 9.55 -0.16
C HIS B 511 -26.54 9.55 0.51
N HIS B 512 -26.61 9.88 1.79
CA HIS B 512 -27.91 9.88 2.48
C HIS B 512 -28.67 11.17 2.24
N ILE B 513 -27.96 12.27 1.98
CA ILE B 513 -28.62 13.52 1.59
C ILE B 513 -29.08 13.39 0.14
N PRO B 514 -30.36 13.60 -0.16
CA PRO B 514 -30.82 13.41 -1.54
C PRO B 514 -30.14 14.35 -2.53
N GLU B 515 -30.00 15.63 -2.19
CA GLU B 515 -29.35 16.59 -3.08
C GLU B 515 -27.92 16.18 -3.40
N CYS B 516 -27.19 15.65 -2.40
CA CYS B 516 -25.77 15.37 -2.60
C CYS B 516 -25.53 14.11 -3.43
N ARG B 517 -26.38 13.09 -3.32
CA ARG B 517 -26.24 11.91 -4.17
C ARG B 517 -26.58 12.24 -5.61
N MET B 518 -27.68 12.97 -5.82
CA MET B 518 -28.06 13.41 -7.16
C MET B 518 -26.92 14.18 -7.84
N LEU B 519 -26.29 15.09 -7.09
CA LEU B 519 -25.15 15.83 -7.64
C LEU B 519 -23.95 14.91 -7.87
N ALA B 520 -23.57 14.14 -6.84
CA ALA B 520 -22.44 13.24 -6.95
C ALA B 520 -22.56 12.33 -8.17
N LEU B 521 -23.77 11.84 -8.46
CA LEU B 521 -23.97 10.99 -9.63
C LEU B 521 -23.91 11.80 -10.92
N ALA B 522 -24.34 13.07 -10.88
CA ALA B 522 -24.19 13.94 -12.04
C ALA B 522 -22.72 14.26 -12.31
N ILE B 523 -21.96 14.52 -11.24
CA ILE B 523 -20.53 14.77 -11.38
C ILE B 523 -19.85 13.55 -11.97
N LEU B 524 -20.23 12.35 -11.50
CA LEU B 524 -19.58 11.13 -11.95
C LEU B 524 -19.96 10.79 -13.39
N SER B 525 -21.16 11.21 -13.83
CA SER B 525 -21.61 10.99 -15.19
C SER B 525 -21.02 12.00 -16.17
N ALA B 526 -20.67 13.20 -15.71
CA ALA B 526 -20.16 14.26 -16.57
C ALA B 526 -18.64 14.32 -16.59
N THR B 527 -17.97 13.35 -15.99
CA THR B 527 -16.51 13.31 -15.93
C THR B 527 -16.02 11.96 -16.43
N ARG B 528 -14.81 11.96 -17.02
CA ARG B 528 -14.39 10.86 -17.86
C ARG B 528 -13.88 9.66 -17.05
N VAL B 529 -14.06 8.47 -17.63
CA VAL B 529 -13.61 7.22 -17.03
C VAL B 529 -12.14 7.02 -17.40
N GLY B 530 -11.27 7.03 -16.39
CA GLY B 530 -9.87 6.71 -16.63
C GLY B 530 -8.92 7.88 -16.42
N LEU B 531 -9.29 8.80 -15.54
CA LEU B 531 -8.47 9.94 -15.20
C LEU B 531 -7.54 9.58 -14.04
N ASN B 532 -6.54 10.42 -13.82
CA ASN B 532 -5.57 10.20 -12.73
C ASN B 532 -6.17 10.74 -11.42
N LEU B 533 -7.18 10.02 -10.93
CA LEU B 533 -7.85 10.44 -9.71
C LEU B 533 -6.93 10.29 -8.51
N LYS B 534 -6.45 9.06 -8.26
CA LYS B 534 -5.60 8.83 -7.11
C LYS B 534 -4.29 9.61 -7.22
N GLY B 535 -3.80 9.82 -8.44
CA GLY B 535 -2.54 10.53 -8.61
C GLY B 535 -2.64 12.00 -8.27
N ILE B 536 -3.72 12.65 -8.69
CA ILE B 536 -3.95 14.06 -8.38
C ILE B 536 -4.61 14.14 -7.01
N ALA B 537 -4.32 15.23 -6.30
CA ALA B 537 -4.79 15.45 -4.92
C ALA B 537 -4.33 14.31 -4.02
N LYS B 538 -3.05 13.97 -4.12
CA LYS B 538 -2.50 12.92 -3.26
C LYS B 538 -2.27 13.41 -1.84
N GLY B 539 -1.89 14.69 -1.70
CA GLY B 539 -1.57 15.20 -0.38
C GLY B 539 -2.79 15.34 0.52
N TRP B 540 -3.84 15.98 0.01
CA TRP B 540 -5.04 16.18 0.81
C TRP B 540 -5.81 14.88 0.99
N MET B 541 -5.94 14.08 -0.07
CA MET B 541 -6.79 12.91 0.00
C MET B 541 -6.10 11.80 0.78
N MET B 542 -6.69 11.44 1.90
CA MET B 542 -6.33 10.25 2.66
C MET B 542 -7.46 9.23 2.49
N ASP B 543 -7.14 7.96 2.72
CA ASP B 543 -8.04 6.86 2.36
C ASP B 543 -8.53 7.01 0.92
N THR B 544 -7.58 6.90 -0.01
CA THR B 544 -7.89 6.96 -1.43
C THR B 544 -8.24 5.59 -2.01
N GLU B 545 -8.51 4.59 -1.16
CA GLU B 545 -8.73 3.25 -1.67
C GLU B 545 -10.00 3.15 -2.49
N TRP B 546 -11.02 3.92 -2.13
CA TRP B 546 -12.28 3.89 -2.85
C TRP B 546 -12.36 4.89 -4.00
N LEU B 547 -11.28 5.64 -4.25
CA LEU B 547 -11.20 6.55 -5.39
C LEU B 547 -10.77 5.77 -6.64
N ARG B 548 -11.73 5.07 -7.22
CA ARG B 548 -11.52 4.31 -8.44
C ARG B 548 -12.79 4.37 -9.28
N ASP B 549 -12.63 4.19 -10.58
CA ASP B 549 -13.80 4.20 -11.45
C ASP B 549 -14.71 3.01 -11.21
N ASP B 550 -14.16 1.88 -10.76
CA ASP B 550 -15.01 0.71 -10.55
C ASP B 550 -15.82 0.80 -9.25
N LEU B 551 -15.86 1.95 -8.59
CA LEU B 551 -16.66 2.07 -7.37
C LEU B 551 -18.13 1.84 -7.68
N GLY B 552 -18.83 1.27 -6.70
CA GLY B 552 -20.24 1.00 -6.81
C GLY B 552 -20.90 0.98 -5.44
N PRO B 553 -22.20 0.68 -5.39
CA PRO B 553 -22.93 0.75 -4.12
C PRO B 553 -22.32 -0.10 -3.02
N ASP B 554 -22.01 -1.36 -3.30
CA ASP B 554 -21.42 -2.23 -2.29
C ASP B 554 -20.09 -1.71 -1.75
N THR B 555 -19.43 -0.79 -2.47
CA THR B 555 -18.21 -0.19 -1.95
C THR B 555 -18.51 0.67 -0.72
N ILE B 556 -19.57 1.49 -0.80
CA ILE B 556 -20.00 2.27 0.35
C ILE B 556 -20.49 1.35 1.47
N HIS B 557 -21.20 0.28 1.11
CA HIS B 557 -21.71 -0.65 2.10
C HIS B 557 -20.60 -1.24 2.97
N ALA B 558 -19.48 -1.61 2.36
CA ALA B 558 -18.36 -2.14 3.13
C ALA B 558 -17.76 -1.12 4.08
N LEU B 559 -17.98 0.17 3.82
CA LEU B 559 -17.53 1.21 4.75
C LEU B 559 -18.55 1.44 5.86
N VAL B 560 -19.82 1.58 5.47
CA VAL B 560 -20.86 1.97 6.43
C VAL B 560 -21.20 0.81 7.36
N THR B 561 -21.65 -0.31 6.78
CA THR B 561 -22.08 -1.46 7.57
C THR B 561 -21.20 -2.68 7.34
N ASP B 562 -19.94 -2.48 6.93
CA ASP B 562 -18.95 -3.54 6.79
C ASP B 562 -19.37 -4.61 5.77
N GLY B 563 -20.22 -4.27 4.80
CA GLY B 563 -20.65 -5.21 3.78
C GLY B 563 -21.91 -5.97 4.12
N ARG B 564 -22.40 -5.89 5.36
CA ARG B 564 -23.60 -6.61 5.75
C ARG B 564 -24.83 -6.20 4.94
N THR B 565 -24.73 -5.14 4.15
CA THR B 565 -25.80 -4.69 3.28
C THR B 565 -25.29 -4.64 1.85
N GLN B 566 -26.22 -4.51 0.90
CA GLN B 566 -25.86 -4.48 -0.50
C GLN B 566 -26.96 -3.81 -1.31
N GLY B 567 -26.57 -3.07 -2.34
CA GLY B 567 -27.48 -2.57 -3.35
C GLY B 567 -27.81 -1.10 -3.20
N TRP B 568 -28.02 -0.42 -4.33
CA TRP B 568 -28.54 0.94 -4.29
C TRP B 568 -29.85 1.01 -3.53
N SER B 569 -30.70 0.00 -3.69
CA SER B 569 -31.98 -0.07 -3.01
C SER B 569 -31.85 -0.20 -1.50
N GLN B 570 -30.66 -0.52 -1.00
CA GLN B 570 -30.42 -0.65 0.43
C GLN B 570 -29.58 0.50 0.98
N LEU B 571 -29.16 1.42 0.13
CA LEU B 571 -28.45 2.63 0.54
C LEU B 571 -29.49 3.70 0.85
N GLY B 572 -29.67 4.00 2.14
CA GLY B 572 -30.79 4.81 2.58
C GLY B 572 -30.53 6.30 2.53
N TYR B 573 -31.58 7.05 2.85
CA TYR B 573 -31.59 8.50 2.87
C TYR B 573 -31.99 8.98 4.27
N VAL B 574 -31.91 10.29 4.47
CA VAL B 574 -32.38 10.84 5.73
C VAL B 574 -33.90 10.77 5.77
N ASP B 575 -34.45 10.97 6.97
CA ASP B 575 -35.89 11.00 7.14
C ASP B 575 -36.48 12.11 6.29
N TYR B 576 -37.69 11.87 5.75
CA TYR B 576 -38.35 12.90 4.97
C TYR B 576 -38.69 14.11 5.82
N SER B 577 -39.08 13.88 7.07
CA SER B 577 -39.41 14.98 7.97
C SER B 577 -38.22 15.91 8.21
N SER B 578 -37.00 15.42 8.02
CA SER B 578 -35.79 16.20 8.28
C SER B 578 -35.20 16.81 7.03
N ARG B 579 -35.88 16.70 5.88
CA ARG B 579 -35.40 17.26 4.62
C ARG B 579 -35.76 18.76 4.58
N LYS B 580 -35.05 19.51 5.40
CA LYS B 580 -35.30 20.92 5.61
C LYS B 580 -34.10 21.51 6.36
N GLY B 581 -34.15 22.82 6.60
CA GLY B 581 -33.13 23.49 7.38
C GLY B 581 -31.75 23.46 6.75
N LEU B 582 -30.85 22.67 7.33
CA LEU B 582 -29.52 22.48 6.76
C LEU B 582 -29.59 21.82 5.38
N LEU B 583 -30.63 21.05 5.12
CA LEU B 583 -30.81 20.36 3.85
C LEU B 583 -31.89 21.04 3.03
N LEU B 584 -31.88 20.77 1.73
CA LEU B 584 -32.84 21.43 0.85
C LEU B 584 -34.22 20.81 1.00
N THR B 585 -35.24 21.63 0.75
CA THR B 585 -36.64 21.24 0.71
C THR B 585 -37.04 20.84 -0.70
N PRO B 586 -37.84 19.79 -0.85
CA PRO B 586 -38.30 19.39 -2.20
C PRO B 586 -39.41 20.29 -2.72
N ASP B 587 -39.04 21.52 -3.08
CA ASP B 587 -39.96 22.51 -3.62
C ASP B 587 -39.84 22.56 -5.14
N LYS B 588 -40.50 23.56 -5.74
CA LYS B 588 -40.52 23.65 -7.21
C LYS B 588 -39.13 23.95 -7.76
N GLN B 589 -38.36 24.80 -7.08
CA GLN B 589 -37.01 25.07 -7.53
C GLN B 589 -36.13 23.83 -7.47
N TYR B 590 -36.32 23.00 -6.43
CA TYR B 590 -35.53 21.78 -6.31
C TYR B 590 -35.86 20.79 -7.42
N LYS B 591 -37.14 20.59 -7.71
CA LYS B 591 -37.52 19.72 -8.82
C LYS B 591 -36.93 20.23 -10.13
N HIS B 592 -36.96 21.54 -10.34
CA HIS B 592 -36.45 22.13 -11.58
C HIS B 592 -34.97 21.83 -11.77
N TRP B 593 -34.18 21.87 -10.70
CA TRP B 593 -32.76 21.56 -10.80
C TRP B 593 -32.55 20.09 -11.18
N ARG B 594 -33.32 19.19 -10.55
CA ARG B 594 -33.21 17.77 -10.87
C ARG B 594 -33.52 17.51 -12.34
N ARG B 595 -34.59 18.14 -12.85
CA ARG B 595 -34.97 17.98 -14.26
C ARG B 595 -33.81 18.34 -15.19
N GLY B 596 -33.18 19.49 -14.95
CA GLY B 596 -32.11 19.96 -15.80
C GLY B 596 -30.78 19.25 -15.66
N LEU B 597 -30.64 18.33 -14.70
CA LEU B 597 -29.35 17.69 -14.49
C LEU B 597 -28.93 16.87 -15.69
N LYS B 598 -29.88 16.19 -16.35
CA LYS B 598 -29.59 15.37 -17.51
C LYS B 598 -28.90 16.22 -18.58
N ASP B 599 -29.61 17.24 -19.07
CA ASP B 599 -29.07 18.11 -20.12
C ASP B 599 -27.69 18.65 -19.76
N THR B 600 -27.52 19.13 -18.52
CA THR B 600 -26.23 19.71 -18.14
C THR B 600 -25.11 18.67 -18.21
N ILE B 601 -25.40 17.42 -17.85
CA ILE B 601 -24.39 16.38 -17.96
C ILE B 601 -23.93 16.26 -19.41
N ASN B 602 -24.89 16.23 -20.34
CA ASN B 602 -24.56 16.10 -21.76
C ASN B 602 -23.84 17.35 -22.27
N SER B 603 -24.22 18.52 -21.78
CA SER B 603 -23.55 19.77 -22.16
C SER B 603 -22.09 19.82 -21.73
N LEU B 604 -21.68 18.94 -20.81
CA LEU B 604 -20.31 18.90 -20.31
C LEU B 604 -19.47 17.79 -20.93
N ARG B 605 -20.10 16.85 -21.62
CA ARG B 605 -19.42 15.63 -22.07
C ARG B 605 -18.61 15.89 -23.34
N VAL B 606 -17.32 15.55 -23.28
CA VAL B 606 -16.41 15.74 -24.40
C VAL B 606 -16.72 14.75 -25.51
N GLU B 607 -16.56 15.19 -26.76
CA GLU B 607 -16.81 14.35 -27.91
C GLU B 607 -16.04 13.03 -27.81
N GLY B 608 -16.78 11.93 -27.90
CA GLY B 608 -16.17 10.62 -27.92
C GLY B 608 -15.21 10.38 -26.78
N GLY B 609 -15.63 10.73 -25.57
CA GLY B 609 -14.93 10.34 -24.37
C GLY B 609 -15.56 9.09 -23.79
N ASN B 610 -14.76 8.31 -23.06
CA ASN B 610 -15.29 7.17 -22.33
C ASN B 610 -15.97 7.71 -21.08
N TYR B 611 -17.26 7.98 -21.19
CA TYR B 611 -18.06 8.47 -20.08
C TYR B 611 -18.86 7.30 -19.54
N LYS B 612 -18.78 7.09 -18.22
CA LYS B 612 -19.62 6.07 -17.60
C LYS B 612 -21.07 6.28 -17.99
N ASP B 613 -21.82 5.19 -18.00
CA ASP B 613 -23.27 5.23 -18.15
C ASP B 613 -23.86 6.25 -17.20
N TRP B 614 -25.11 6.65 -17.41
CA TRP B 614 -25.73 7.50 -16.40
C TRP B 614 -25.58 6.85 -15.04
N MET B 615 -24.78 7.45 -14.17
CA MET B 615 -24.84 7.07 -12.76
C MET B 615 -26.12 7.62 -12.13
N ASN B 616 -26.83 8.49 -12.86
CA ASN B 616 -28.11 9.04 -12.44
C ASN B 616 -29.26 8.07 -12.68
N LYS B 617 -29.05 7.04 -13.51
CA LYS B 617 -30.00 5.94 -13.62
C LYS B 617 -29.88 4.98 -12.44
N MET B 618 -28.97 5.25 -11.51
CA MET B 618 -28.80 4.46 -10.30
C MET B 618 -29.56 5.03 -9.11
N ALA B 619 -30.30 6.12 -9.29
CA ALA B 619 -31.26 6.61 -8.31
C ALA B 619 -32.62 6.71 -8.98
N VAL B 620 -33.66 6.23 -8.29
CA VAL B 620 -34.99 6.22 -8.87
C VAL B 620 -35.53 7.64 -8.95
N PHE B 621 -36.02 8.03 -10.12
CA PHE B 621 -36.48 9.40 -10.33
C PHE B 621 -37.87 9.59 -9.72
#